data_8OWQ
#
_entry.id   8OWQ
#
_cell.length_a   78.200
_cell.length_b   78.472
_cell.length_c   150.060
_cell.angle_alpha   90.00
_cell.angle_beta   90.00
_cell.angle_gamma   90.00
#
_symmetry.space_group_name_H-M   'P 21 21 21'
#
loop_
_entity.id
_entity.type
_entity.pdbx_description
1 polymer 'Coenzyme A biosynthesis bifunctional protein CoaBC'
2 non-polymer "CYTIDINE-5'-TRIPHOSPHATE"
3 non-polymer 'CALCIUM ION'
4 non-polymer '2-[1-[3,4-bis(oxidanyl)phenyl]-5-phenyl-indol-3-yl]-2-oxidanylidene-ethanoic acid'
5 water water
#
_entity_poly.entity_id   1
_entity_poly.type   'polypeptide(L)'
_entity_poly.pdbx_seq_one_letter_code
;MAHHHHHHDMAGVKALVTAGGTREPLDPVRFIGNRSSGKQGYAVARVLAQRGADVTLIAGNTAGLIDPAGVEMVHIGSAT
QLRDAVSKHAPDANVLVMAAAVADFRPAHVAAAKIKKGASEPSSIDLVRNDDVLAGAVRARADGQLPNMRAIVGFAAETG
DANGDVLFHARAKLERKGCDLLVVNAVGENRAFEVDHNDGWLLSADGTESALEHGSKTLMATRIVDSIAAFLKSQDG
;
_entity_poly.pdbx_strand_id   A,B,C,D
#
# COMPACT_ATOMS: atom_id res chain seq x y z
N HIS A 7 23.87 34.70 -3.48
CA HIS A 7 22.43 34.93 -3.52
C HIS A 7 21.73 33.66 -3.98
N HIS A 8 21.72 33.43 -5.30
CA HIS A 8 21.02 32.28 -5.87
C HIS A 8 22.00 31.17 -6.23
N ASP A 9 22.76 30.76 -5.22
CA ASP A 9 23.83 29.79 -5.43
C ASP A 9 23.30 28.44 -5.87
N MET A 10 22.07 28.08 -5.47
CA MET A 10 21.56 26.76 -5.76
C MET A 10 20.76 26.67 -7.04
N ALA A 11 20.78 27.73 -7.85
CA ALA A 11 20.09 27.70 -9.14
C ALA A 11 20.65 26.58 -10.02
N GLY A 12 19.75 25.80 -10.61
CA GLY A 12 20.15 24.69 -11.48
C GLY A 12 20.36 23.36 -10.78
N VAL A 13 20.24 23.32 -9.45
CA VAL A 13 20.49 22.13 -8.65
C VAL A 13 19.16 21.44 -8.38
N LYS A 14 19.03 20.17 -8.77
CA LYS A 14 17.84 19.38 -8.50
C LYS A 14 17.98 18.72 -7.14
N ALA A 15 17.10 19.06 -6.21
CA ALA A 15 17.21 18.61 -4.83
C ALA A 15 16.02 17.76 -4.44
N LEU A 16 16.30 16.57 -3.86
CA LEU A 16 15.30 15.64 -3.37
C LEU A 16 15.39 15.61 -1.83
N VAL A 17 14.27 15.90 -1.17
CA VAL A 17 14.22 16.06 0.29
C VAL A 17 13.15 15.14 0.87
N THR A 18 13.51 14.36 1.90
CA THR A 18 12.52 13.66 2.72
C THR A 18 12.39 14.36 4.07
N ALA A 19 11.18 14.31 4.64
CA ALA A 19 10.89 14.98 5.91
C ALA A 19 9.73 14.27 6.58
N GLY A 20 9.62 14.43 7.90
CA GLY A 20 8.54 13.83 8.65
C GLY A 20 8.93 12.48 9.22
N GLY A 21 7.94 11.78 9.73
CA GLY A 21 8.14 10.45 10.27
C GLY A 21 7.25 9.46 9.54
N THR A 22 7.75 8.24 9.37
CA THR A 22 6.93 7.26 8.68
C THR A 22 5.94 6.62 9.68
N ARG A 23 4.94 5.95 9.13
CA ARG A 23 3.90 5.29 9.91
C ARG A 23 3.82 3.84 9.45
N GLU A 24 3.99 2.90 10.37
CA GLU A 24 4.02 1.50 9.98
C GLU A 24 2.71 0.84 10.38
N PRO A 25 1.83 0.53 9.43
CA PRO A 25 0.48 0.08 9.80
C PRO A 25 0.49 -1.28 10.49
N LEU A 26 -0.36 -1.39 11.52
CA LEU A 26 -0.71 -2.66 12.13
C LEU A 26 -1.99 -3.24 11.54
N ASP A 27 -2.89 -2.37 11.05
CA ASP A 27 -4.21 -2.66 10.51
C ASP A 27 -4.69 -1.38 9.85
N PRO A 28 -5.93 -1.28 9.34
CA PRO A 28 -6.32 -0.05 8.63
C PRO A 28 -6.38 1.21 9.49
N VAL A 29 -6.33 1.12 10.81
CA VAL A 29 -6.53 2.29 11.64
C VAL A 29 -5.34 2.59 12.56
N ARG A 30 -4.64 1.58 12.98
CA ARG A 30 -3.52 1.70 13.90
C ARG A 30 -2.13 1.52 13.26
N PHE A 31 -1.10 2.06 13.84
CA PHE A 31 0.23 2.09 13.26
C PHE A 31 1.26 2.28 14.38
N ILE A 32 2.53 2.12 14.02
CA ILE A 32 3.65 2.56 14.84
C ILE A 32 4.17 3.86 14.25
N GLY A 33 4.37 4.88 15.09
CA GLY A 33 4.85 6.16 14.62
C GLY A 33 5.80 6.81 15.62
N ASN A 34 6.23 8.03 15.29
CA ASN A 34 7.09 8.81 16.17
C ASN A 34 6.66 10.28 16.15
N ARG A 35 7.32 11.11 16.95
CA ARG A 35 6.91 12.50 17.19
C ARG A 35 7.66 13.53 16.33
N SER A 36 8.21 13.12 15.18
CA SER A 36 8.90 14.04 14.28
C SER A 36 7.94 15.04 13.65
N SER A 37 8.30 16.33 13.72
CA SER A 37 7.45 17.38 13.18
C SER A 37 7.62 17.60 11.68
N GLY A 38 8.80 17.33 11.13
CA GLY A 38 9.08 17.69 9.76
C GLY A 38 9.54 19.12 9.54
N LYS A 39 9.54 19.95 10.59
CA LYS A 39 9.71 21.40 10.43
C LYS A 39 11.10 21.76 9.91
N GLN A 40 12.15 21.15 10.46
CA GLN A 40 13.49 21.50 9.99
C GLN A 40 13.73 21.04 8.56
N GLY A 41 13.16 19.89 8.18
CA GLY A 41 13.28 19.43 6.81
C GLY A 41 12.47 20.21 5.81
N TYR A 42 11.30 20.72 6.21
CA TYR A 42 10.55 21.62 5.33
C TYR A 42 11.29 22.94 5.16
N ALA A 43 11.89 23.44 6.24
CA ALA A 43 12.60 24.71 6.19
C ALA A 43 13.82 24.61 5.31
N VAL A 44 14.51 23.47 5.37
CA VAL A 44 15.62 23.21 4.44
C VAL A 44 15.10 23.23 3.00
N ALA A 45 14.00 22.52 2.75
CA ALA A 45 13.44 22.48 1.41
C ALA A 45 12.96 23.84 0.96
N ARG A 46 12.50 24.67 1.90
CA ARG A 46 12.13 26.05 1.55
C ARG A 46 13.38 26.90 1.29
N VAL A 47 14.38 26.83 2.16
CA VAL A 47 15.57 27.64 1.95
C VAL A 47 16.26 27.19 0.67
N LEU A 48 16.17 25.90 0.35
CA LEU A 48 16.75 25.40 -0.88
C LEU A 48 16.07 26.00 -2.11
N ALA A 49 14.73 26.10 -2.06
CA ALA A 49 13.97 26.65 -3.19
C ALA A 49 14.19 28.14 -3.33
N GLN A 50 14.22 28.87 -2.21
CA GLN A 50 14.40 30.31 -2.24
C GLN A 50 15.79 30.72 -2.76
N ARG A 51 16.73 29.79 -2.83
CA ARG A 51 18.05 30.04 -3.38
C ARG A 51 18.22 29.48 -4.79
N GLY A 52 17.12 29.06 -5.43
CA GLY A 52 17.14 28.70 -6.84
C GLY A 52 17.01 27.23 -7.14
N ALA A 53 17.07 26.35 -6.14
CA ALA A 53 17.00 24.93 -6.39
C ALA A 53 15.60 24.51 -6.83
N ASP A 54 15.54 23.48 -7.66
CA ASP A 54 14.27 22.82 -7.99
C ASP A 54 14.10 21.66 -7.02
N VAL A 55 13.10 21.75 -6.15
CA VAL A 55 13.00 20.94 -4.94
C VAL A 55 11.83 19.98 -5.06
N THR A 56 12.09 18.69 -4.78
CA THR A 56 11.05 17.68 -4.57
C THR A 56 11.08 17.29 -3.11
N LEU A 57 9.90 17.22 -2.47
CA LEU A 57 9.81 16.91 -1.06
C LEU A 57 8.91 15.70 -0.88
N ILE A 58 9.50 14.60 -0.41
CA ILE A 58 8.78 13.40 0.00
C ILE A 58 8.48 13.54 1.50
N ALA A 59 7.20 13.65 1.86
CA ALA A 59 6.79 13.99 3.23
C ALA A 59 6.06 12.83 3.86
N GLY A 60 6.56 12.36 5.01
CA GLY A 60 5.79 11.50 5.88
C GLY A 60 4.84 12.31 6.74
N ASN A 61 4.55 11.79 7.92
CA ASN A 61 3.71 12.52 8.85
C ASN A 61 4.51 13.69 9.43
N THR A 62 3.87 14.85 9.49
CA THR A 62 4.48 16.07 9.98
C THR A 62 3.53 16.73 10.97
N ALA A 63 3.91 17.90 11.47
CA ALA A 63 3.10 18.63 12.43
C ALA A 63 2.07 19.53 11.76
N GLY A 64 1.26 18.97 10.86
CA GLY A 64 0.30 19.77 10.10
C GLY A 64 0.94 20.75 9.12
N LEU A 65 2.15 20.47 8.67
CA LEU A 65 2.88 21.42 7.84
C LEU A 65 2.21 21.54 6.48
N ILE A 66 2.20 22.76 5.96
CA ILE A 66 1.65 23.06 4.65
C ILE A 66 2.75 22.80 3.63
N ASP A 67 2.36 22.28 2.46
CA ASP A 67 3.27 22.11 1.35
C ASP A 67 4.01 23.40 1.06
N PRO A 68 5.34 23.45 1.19
CA PRO A 68 6.06 24.65 0.74
C PRO A 68 5.75 24.94 -0.71
N ALA A 69 5.62 26.24 -1.03
CA ALA A 69 5.36 26.69 -2.38
C ALA A 69 6.63 26.64 -3.22
N GLY A 70 6.48 26.27 -4.49
CA GLY A 70 7.63 26.06 -5.36
C GLY A 70 8.28 24.69 -5.25
N VAL A 71 7.67 23.77 -4.51
CA VAL A 71 8.26 22.49 -4.20
C VAL A 71 7.29 21.42 -4.67
N GLU A 72 7.83 20.37 -5.31
CA GLU A 72 7.03 19.23 -5.74
C GLU A 72 6.84 18.32 -4.54
N MET A 73 5.60 17.93 -4.27
CA MET A 73 5.25 17.21 -3.04
C MET A 73 4.91 15.76 -3.35
N VAL A 74 5.52 14.83 -2.61
CA VAL A 74 5.10 13.44 -2.63
C VAL A 74 4.82 13.05 -1.18
N HIS A 75 3.57 12.71 -0.89
CA HIS A 75 3.22 12.28 0.44
C HIS A 75 3.26 10.75 0.49
N ILE A 76 3.88 10.23 1.56
CA ILE A 76 4.06 8.81 1.79
C ILE A 76 3.57 8.49 3.19
N GLY A 77 3.30 7.21 3.43
CA GLY A 77 2.96 6.76 4.77
C GLY A 77 4.07 5.98 5.47
N SER A 78 4.46 4.85 4.90
CA SER A 78 5.37 3.93 5.55
C SER A 78 6.81 4.13 5.08
N ALA A 79 7.75 3.54 5.84
CA ALA A 79 9.17 3.52 5.49
C ALA A 79 9.43 2.85 4.15
N THR A 80 8.66 1.82 3.80
CA THR A 80 8.79 1.18 2.50
C THR A 80 8.27 2.07 1.37
N GLN A 81 7.14 2.74 1.60
CA GLN A 81 6.67 3.72 0.63
C GLN A 81 7.65 4.86 0.46
N LEU A 82 8.26 5.33 1.56
CA LEU A 82 9.30 6.32 1.44
C LEU A 82 10.45 5.81 0.58
N ARG A 83 10.85 4.57 0.80
CA ARG A 83 11.91 3.96 0.01
C ARG A 83 11.57 3.96 -1.46
N ASP A 84 10.34 3.55 -1.80
CA ASP A 84 9.94 3.49 -3.20
C ASP A 84 9.94 4.88 -3.83
N ALA A 85 9.49 5.89 -3.09
CA ALA A 85 9.42 7.21 -3.71
C ALA A 85 10.81 7.81 -3.92
N VAL A 86 11.75 7.50 -3.03
CA VAL A 86 13.13 7.95 -3.20
C VAL A 86 13.79 7.24 -4.36
N SER A 87 13.52 5.94 -4.51
CA SER A 87 14.06 5.22 -5.66
C SER A 87 13.60 5.84 -6.96
N LYS A 88 12.35 6.29 -6.99
CA LYS A 88 11.69 6.81 -8.18
C LYS A 88 12.28 8.16 -8.61
N HIS A 89 12.55 9.02 -7.63
CA HIS A 89 12.93 10.40 -7.84
C HIS A 89 14.44 10.64 -7.78
N ALA A 90 15.20 9.69 -7.22
CA ALA A 90 16.64 9.86 -7.07
C ALA A 90 17.44 9.94 -8.36
N PRO A 91 17.08 9.26 -9.46
CA PRO A 91 17.83 9.44 -10.71
C PRO A 91 17.82 10.86 -11.24
N ASP A 92 16.82 11.67 -10.89
CA ASP A 92 16.86 13.05 -11.35
C ASP A 92 17.70 13.93 -10.44
N ALA A 93 17.85 13.56 -9.17
CA ALA A 93 18.35 14.52 -8.19
C ALA A 93 19.84 14.74 -8.33
N ASN A 94 20.28 15.93 -7.94
CA ASN A 94 21.69 16.22 -7.73
C ASN A 94 22.03 16.24 -6.25
N VAL A 95 21.03 16.45 -5.41
CA VAL A 95 21.22 16.51 -3.97
C VAL A 95 20.10 15.71 -3.34
N LEU A 96 20.46 14.78 -2.45
CA LEU A 96 19.52 14.05 -1.61
C LEU A 96 19.69 14.52 -0.18
N VAL A 97 18.62 15.01 0.43
CA VAL A 97 18.62 15.41 1.83
C VAL A 97 17.65 14.50 2.58
N MET A 98 18.18 13.60 3.39
CA MET A 98 17.36 12.62 4.09
C MET A 98 17.06 13.14 5.48
N ALA A 99 16.02 13.95 5.60
CA ALA A 99 15.68 14.47 6.91
C ALA A 99 14.61 13.64 7.61
N ALA A 100 13.93 12.74 6.91
CA ALA A 100 12.83 11.99 7.50
C ALA A 100 13.33 11.06 8.61
N ALA A 101 12.44 10.80 9.58
CA ALA A 101 12.66 9.70 10.52
C ALA A 101 12.02 8.47 9.90
N VAL A 102 12.86 7.57 9.38
CA VAL A 102 12.39 6.38 8.66
C VAL A 102 12.35 5.22 9.64
N ALA A 103 11.17 4.66 9.84
CA ALA A 103 11.03 3.56 10.79
C ALA A 103 11.96 2.41 10.43
N ASP A 104 12.75 1.98 11.40
CA ASP A 104 13.62 0.85 11.13
C ASP A 104 12.90 -0.48 11.25
N PHE A 105 11.65 -0.48 11.71
CA PHE A 105 10.89 -1.72 11.83
C PHE A 105 9.46 -1.47 11.43
N ARG A 106 8.81 -2.53 10.95
CA ARG A 106 7.39 -2.54 10.65
C ARG A 106 6.80 -3.84 11.19
N PRO A 107 5.51 -3.86 11.50
CA PRO A 107 4.85 -5.14 11.79
C PRO A 107 5.09 -6.15 10.66
N ALA A 108 5.30 -7.41 11.04
CA ALA A 108 5.51 -8.46 10.05
C ALA A 108 4.22 -8.78 9.30
N HIS A 109 3.07 -8.52 9.92
CA HIS A 109 1.77 -8.75 9.30
C HIS A 109 0.90 -7.53 9.54
N VAL A 110 0.28 -7.02 8.47
CA VAL A 110 -0.72 -5.96 8.55
C VAL A 110 -2.08 -6.63 8.45
N ALA A 111 -3.00 -6.27 9.34
CA ALA A 111 -4.34 -6.82 9.33
C ALA A 111 -5.23 -6.11 8.32
N ALA A 112 -6.18 -6.85 7.76
CA ALA A 112 -7.08 -6.33 6.73
C ALA A 112 -8.33 -5.68 7.31
N ALA A 113 -8.42 -5.71 8.61
CA ALA A 113 -9.52 -5.12 9.25
C ALA A 113 -9.08 -4.80 10.62
N LYS A 114 -9.78 -3.90 11.26
CA LYS A 114 -9.53 -3.53 12.64
C LYS A 114 -9.23 -4.79 13.47
N ILE A 115 -8.12 -4.81 14.15
CA ILE A 115 -7.74 -5.96 14.97
C ILE A 115 -8.58 -5.93 16.22
N LYS A 116 -9.10 -7.08 16.64
CA LYS A 116 -9.92 -7.21 17.83
C LYS A 116 -9.48 -8.48 18.56
N SER A 124 1.32 -9.46 21.44
CA SER A 124 2.62 -9.30 20.78
C SER A 124 2.56 -8.88 19.32
N ILE A 125 3.50 -8.03 18.91
CA ILE A 125 3.67 -7.62 17.53
C ILE A 125 5.06 -8.05 17.08
N ASP A 126 5.12 -9.02 16.17
CA ASP A 126 6.38 -9.36 15.53
C ASP A 126 6.82 -8.25 14.60
N LEU A 127 8.10 -7.92 14.64
CA LEU A 127 8.63 -6.88 13.78
C LEU A 127 9.65 -7.46 12.80
N VAL A 128 9.64 -6.91 11.59
CA VAL A 128 10.71 -7.14 10.63
C VAL A 128 11.31 -5.79 10.25
N ARG A 129 12.51 -5.82 9.70
CA ARG A 129 13.27 -4.60 9.48
C ARG A 129 12.96 -3.97 8.13
N ASN A 130 12.97 -2.64 8.11
CA ASN A 130 12.82 -1.85 6.91
C ASN A 130 14.19 -1.50 6.37
N ASP A 131 14.28 -1.27 5.07
CA ASP A 131 15.54 -0.96 4.43
C ASP A 131 16.09 0.39 4.90
N ASP A 132 17.41 0.48 4.93
CA ASP A 132 18.12 1.73 5.17
C ASP A 132 18.20 2.47 3.84
N VAL A 133 17.37 3.51 3.69
CA VAL A 133 17.22 4.21 2.41
C VAL A 133 18.42 5.11 2.14
N LEU A 134 18.89 5.85 3.15
CA LEU A 134 20.13 6.63 3.03
C LEU A 134 21.30 5.77 2.59
N ALA A 135 21.43 4.59 3.22
CA ALA A 135 22.54 3.69 2.88
C ALA A 135 22.39 3.11 1.47
N GLY A 136 21.17 2.79 1.06
CA GLY A 136 20.95 2.34 -0.30
C GLY A 136 21.26 3.42 -1.32
N ALA A 137 21.13 4.68 -0.92
CA ALA A 137 21.50 5.78 -1.83
C ALA A 137 23.02 5.85 -1.99
N VAL A 138 23.76 5.80 -0.87
CA VAL A 138 25.21 5.89 -0.93
C VAL A 138 25.78 4.72 -1.74
N ARG A 139 25.24 3.52 -1.53
CA ARG A 139 25.68 2.34 -2.25
C ARG A 139 25.37 2.46 -3.74
N ALA A 140 24.19 2.96 -4.06
CA ALA A 140 23.78 3.14 -5.45
C ALA A 140 24.68 4.13 -6.18
N ARG A 141 24.99 5.27 -5.57
CA ARG A 141 25.88 6.21 -6.24
C ARG A 141 27.28 5.63 -6.39
N ALA A 142 27.76 4.89 -5.38
CA ALA A 142 29.09 4.28 -5.48
C ALA A 142 29.13 3.14 -6.50
N ASP A 143 28.04 2.42 -6.66
CA ASP A 143 27.90 1.43 -7.72
C ASP A 143 27.70 2.05 -9.10
N GLY A 144 27.62 3.38 -9.20
CA GLY A 144 27.44 4.05 -10.46
C GLY A 144 26.03 4.11 -11.03
N GLN A 145 24.99 4.00 -10.21
CA GLN A 145 23.61 4.02 -10.69
C GLN A 145 22.96 5.40 -10.55
N LEU A 146 23.65 6.34 -9.93
CA LEU A 146 23.17 7.71 -9.78
C LEU A 146 24.27 8.66 -10.25
N PRO A 147 24.54 8.69 -11.56
CA PRO A 147 25.58 9.63 -12.06
C PRO A 147 25.29 11.10 -11.77
N ASN A 148 24.03 11.49 -11.57
CA ASN A 148 23.73 12.90 -11.38
C ASN A 148 23.87 13.34 -9.93
N MET A 149 24.00 12.41 -9.01
CA MET A 149 23.94 12.69 -7.57
C MET A 149 25.25 13.27 -7.10
N ARG A 150 25.26 14.54 -6.72
CA ARG A 150 26.48 15.19 -6.29
C ARG A 150 26.65 15.24 -4.77
N ALA A 151 25.57 15.07 -4.00
CA ALA A 151 25.67 15.24 -2.56
C ALA A 151 24.54 14.47 -1.90
N ILE A 152 24.89 13.67 -0.90
CA ILE A 152 23.93 12.88 -0.15
C ILE A 152 24.05 13.32 1.31
N VAL A 153 23.00 13.94 1.84
CA VAL A 153 22.98 14.52 3.18
C VAL A 153 22.12 13.65 4.09
N GLY A 154 22.66 13.27 5.25
CA GLY A 154 21.85 12.62 6.24
C GLY A 154 21.59 13.49 7.46
N PHE A 155 20.59 13.12 8.25
CA PHE A 155 20.20 13.85 9.45
C PHE A 155 20.29 12.90 10.64
N ALA A 156 20.50 13.47 11.82
CA ALA A 156 20.53 12.65 13.03
C ALA A 156 20.14 13.51 14.21
N ALA A 157 19.48 12.88 15.20
CA ALA A 157 19.14 13.50 16.48
C ALA A 157 19.83 12.69 17.56
N GLU A 158 20.91 13.24 18.14
CA GLU A 158 21.75 12.51 19.07
C GLU A 158 21.71 13.16 20.44
N THR A 159 21.71 12.32 21.49
CA THR A 159 21.63 12.82 22.84
C THR A 159 22.94 12.74 23.62
N GLY A 160 23.78 11.76 23.34
CA GLY A 160 24.92 11.54 24.20
C GLY A 160 24.52 10.81 25.47
N ASP A 161 25.30 9.79 25.83
CA ASP A 161 24.94 8.91 26.94
C ASP A 161 26.21 8.51 27.66
N ALA A 162 26.12 7.42 28.44
CA ALA A 162 27.24 6.93 29.21
C ALA A 162 28.40 6.46 28.32
N ASN A 163 28.11 6.02 27.08
CA ASN A 163 29.10 5.49 26.16
C ASN A 163 29.77 6.56 25.30
N GLY A 164 29.18 7.73 25.14
CA GLY A 164 29.81 8.78 24.37
C GLY A 164 28.93 10.00 24.37
N ASP A 165 29.57 11.15 24.14
CA ASP A 165 28.82 12.39 24.02
C ASP A 165 28.15 12.45 22.65
N VAL A 166 27.46 13.54 22.38
CA VAL A 166 26.76 13.66 21.10
C VAL A 166 27.72 13.37 19.95
N LEU A 167 28.91 13.95 20.01
CA LEU A 167 29.82 13.90 18.86
C LEU A 167 30.36 12.49 18.65
N PHE A 168 30.62 11.77 19.74
CA PHE A 168 31.01 10.37 19.65
C PHE A 168 30.01 9.56 18.84
N HIS A 169 28.72 9.76 19.11
CA HIS A 169 27.69 9.03 18.37
C HIS A 169 27.52 9.59 16.97
N ALA A 170 27.60 10.91 16.82
CA ALA A 170 27.53 11.51 15.49
C ALA A 170 28.66 11.02 14.60
N ARG A 171 29.86 10.87 15.15
CA ARG A 171 30.98 10.40 14.35
C ARG A 171 30.79 8.96 13.90
N ALA A 172 30.35 8.09 14.81
CA ALA A 172 30.09 6.70 14.43
C ALA A 172 29.05 6.60 13.33
N LYS A 173 28.01 7.43 13.38
CA LYS A 173 26.93 7.36 12.40
C LYS A 173 27.37 7.89 11.03
N LEU A 174 28.17 8.96 11.02
CA LEU A 174 28.74 9.44 9.79
C LEU A 174 29.53 8.35 9.07
N GLU A 175 30.41 7.66 9.82
CA GLU A 175 31.29 6.63 9.27
C GLU A 175 30.51 5.39 8.81
N ARG A 176 29.48 4.99 9.57
CA ARG A 176 28.68 3.82 9.22
C ARG A 176 27.86 4.07 7.96
N LYS A 177 27.27 5.26 7.84
CA LYS A 177 26.32 5.54 6.78
C LYS A 177 27.01 5.85 5.46
N GLY A 178 28.11 6.60 5.50
CA GLY A 178 28.90 6.86 4.30
C GLY A 178 28.47 8.08 3.49
N CYS A 179 27.64 8.96 4.04
CA CYS A 179 27.16 10.10 3.30
C CYS A 179 28.20 11.24 3.34
N ASP A 180 27.93 12.28 2.54
CA ASP A 180 28.84 13.42 2.41
C ASP A 180 28.71 14.39 3.57
N LEU A 181 27.53 14.51 4.16
CA LEU A 181 27.30 15.47 5.21
C LEU A 181 26.26 14.87 6.15
N LEU A 182 26.49 15.00 7.45
CA LEU A 182 25.55 14.50 8.45
C LEU A 182 25.19 15.67 9.35
N VAL A 183 23.91 16.05 9.35
CA VAL A 183 23.42 17.14 10.16
C VAL A 183 22.92 16.54 11.47
N VAL A 184 23.49 16.98 12.58
CA VAL A 184 23.22 16.39 13.88
C VAL A 184 22.60 17.46 14.76
N ASN A 185 21.40 17.19 15.25
CA ASN A 185 20.78 18.02 16.27
C ASN A 185 21.08 17.39 17.62
N ALA A 186 21.68 18.16 18.53
CA ALA A 186 21.95 17.68 19.88
C ALA A 186 20.65 17.69 20.68
N VAL A 187 20.16 16.51 21.05
CA VAL A 187 18.91 16.37 21.80
C VAL A 187 19.17 16.53 23.30
N ASP A 199 22.74 22.65 21.03
CA ASP A 199 23.26 23.09 19.74
C ASP A 199 23.17 21.96 18.68
N GLY A 200 24.31 21.53 18.14
CA GLY A 200 24.33 20.54 17.09
C GLY A 200 25.59 20.63 16.27
N TRP A 201 25.67 19.74 15.28
CA TRP A 201 26.90 19.48 14.52
C TRP A 201 26.61 19.29 13.04
N LEU A 202 27.53 19.77 12.21
CA LEU A 202 27.58 19.44 10.79
C LEU A 202 28.89 18.72 10.52
N LEU A 203 28.82 17.42 10.25
CA LEU A 203 30.01 16.62 10.00
C LEU A 203 30.12 16.28 8.52
N SER A 204 31.26 16.60 7.90
CA SER A 204 31.54 16.31 6.51
C SER A 204 32.39 15.05 6.35
N ALA A 205 32.27 14.41 5.18
CA ALA A 205 33.05 13.22 4.88
C ALA A 205 34.54 13.51 4.74
N ASP A 206 34.96 14.77 4.68
CA ASP A 206 36.38 15.07 4.76
C ASP A 206 36.86 15.28 6.18
N GLY A 207 36.00 15.02 7.18
CA GLY A 207 36.37 15.18 8.57
C GLY A 207 36.14 16.55 9.17
N THR A 208 35.64 17.52 8.41
CA THR A 208 35.27 18.81 8.97
C THR A 208 34.08 18.65 9.91
N GLU A 209 34.17 19.28 11.08
CA GLU A 209 33.06 19.30 12.03
C GLU A 209 32.80 20.75 12.39
N SER A 210 31.64 21.26 11.98
CA SER A 210 31.22 22.61 12.32
C SER A 210 30.08 22.52 13.33
N ALA A 211 30.12 23.36 14.35
CA ALA A 211 29.06 23.38 15.34
C ALA A 211 27.82 24.05 14.74
N LEU A 212 26.65 23.51 15.08
CA LEU A 212 25.38 24.16 14.71
C LEU A 212 24.91 25.01 15.87
N GLU A 213 25.02 26.33 15.73
CA GLU A 213 24.57 27.20 16.81
C GLU A 213 23.05 27.21 16.85
N HIS A 214 22.50 27.39 18.04
CA HIS A 214 21.07 27.52 18.23
C HIS A 214 20.49 28.62 17.33
N GLY A 215 19.32 28.34 16.77
CA GLY A 215 18.58 29.35 16.03
C GLY A 215 17.20 28.81 15.73
N SER A 216 16.43 29.61 15.01
CA SER A 216 15.15 29.14 14.48
C SER A 216 15.38 28.10 13.38
N LYS A 217 14.29 27.46 12.96
CA LYS A 217 14.37 26.50 11.85
C LYS A 217 14.92 27.16 10.60
N THR A 218 14.51 28.41 10.34
CA THR A 218 14.94 29.11 9.14
C THR A 218 16.41 29.48 9.20
N LEU A 219 16.88 29.96 10.35
CA LEU A 219 18.30 30.26 10.48
C LEU A 219 19.14 29.02 10.29
N MET A 220 18.79 27.94 10.99
CA MET A 220 19.57 26.71 10.89
C MET A 220 19.42 26.06 9.53
N ALA A 221 18.24 26.15 8.92
CA ALA A 221 18.09 25.71 7.54
C ALA A 221 19.01 26.49 6.61
N THR A 222 19.33 27.74 6.94
CA THR A 222 20.25 28.49 6.11
C THR A 222 21.68 28.03 6.34
N ARG A 223 22.02 27.68 7.58
CA ARG A 223 23.34 27.11 7.89
C ARG A 223 23.55 25.76 7.20
N ILE A 224 22.52 24.91 7.23
CA ILE A 224 22.62 23.61 6.58
C ILE A 224 22.83 23.77 5.07
N VAL A 225 22.03 24.63 4.44
CA VAL A 225 22.14 24.79 2.99
C VAL A 225 23.45 25.47 2.64
N ASP A 226 23.87 26.47 3.44
CA ASP A 226 25.22 27.02 3.31
C ASP A 226 26.25 25.92 3.20
N SER A 227 26.17 24.97 4.14
CA SER A 227 27.09 23.85 4.19
C SER A 227 27.02 23.00 2.92
N ILE A 228 25.80 22.71 2.43
CA ILE A 228 25.64 21.96 1.18
C ILE A 228 26.27 22.70 0.00
N ALA A 229 26.07 24.03 -0.06
CA ALA A 229 26.57 24.77 -1.21
C ALA A 229 28.09 24.87 -1.18
N ALA A 230 28.67 24.92 0.02
CA ALA A 230 30.12 24.93 0.12
C ALA A 230 30.69 23.59 -0.30
N PHE A 231 30.03 22.50 0.10
CA PHE A 231 30.46 21.18 -0.33
C PHE A 231 30.40 21.03 -1.85
N LEU A 232 29.41 21.65 -2.48
CA LEU A 232 29.18 21.47 -3.92
C LEU A 232 30.17 22.28 -4.76
N LYS A 233 30.40 23.56 -4.41
CA LYS A 233 31.44 24.32 -5.09
C LYS A 233 32.81 23.68 -4.86
N SER A 234 32.95 22.97 -3.74
CA SER A 234 34.18 22.24 -3.45
C SER A 234 34.35 21.01 -4.33
N GLN A 235 33.26 20.42 -4.84
CA GLN A 235 33.36 19.29 -5.76
C GLN A 235 33.41 19.77 -7.22
N HIS B 7 -31.65 28.67 21.39
CA HIS B 7 -31.66 28.85 22.83
C HIS B 7 -30.57 28.01 23.51
N HIS B 8 -30.73 27.77 24.80
CA HIS B 8 -29.69 27.13 25.61
C HIS B 8 -30.31 26.03 26.46
N ASP B 9 -30.33 24.81 25.90
CA ASP B 9 -30.91 23.67 26.59
C ASP B 9 -29.93 22.94 27.51
N MET B 10 -28.63 23.24 27.44
CA MET B 10 -27.66 22.57 28.30
C MET B 10 -27.15 23.46 29.44
N ALA B 11 -27.92 24.47 29.85
CA ALA B 11 -27.45 25.33 30.92
C ALA B 11 -27.45 24.58 32.25
N GLY B 12 -26.43 24.83 33.07
CA GLY B 12 -26.24 24.13 34.31
C GLY B 12 -25.64 22.75 34.17
N VAL B 13 -25.65 22.21 32.96
CA VAL B 13 -25.08 20.91 32.67
C VAL B 13 -23.56 21.04 32.63
N LYS B 14 -22.87 20.21 33.44
CA LYS B 14 -21.42 20.09 33.44
C LYS B 14 -21.11 18.87 32.60
N ALA B 15 -20.30 19.04 31.54
CA ALA B 15 -20.03 17.97 30.59
C ALA B 15 -18.53 17.65 30.52
N LEU B 16 -18.19 16.35 30.60
CA LEU B 16 -16.84 15.86 30.39
C LEU B 16 -16.79 15.07 29.07
N VAL B 17 -15.93 15.50 28.15
CA VAL B 17 -15.80 14.93 26.82
C VAL B 17 -14.35 14.52 26.60
N THR B 18 -14.13 13.32 26.07
CA THR B 18 -12.83 12.94 25.54
C THR B 18 -12.95 12.85 24.02
N ALA B 19 -11.84 13.16 23.35
CA ALA B 19 -11.81 13.19 21.89
C ALA B 19 -10.39 12.95 21.44
N GLY B 20 -10.26 12.45 20.21
CA GLY B 20 -8.97 12.12 19.66
C GLY B 20 -8.49 10.73 20.05
N GLY B 21 -7.45 10.30 19.37
CA GLY B 21 -6.80 9.07 19.71
C GLY B 21 -5.77 9.27 20.80
N THR B 22 -5.43 8.17 21.46
CA THR B 22 -4.31 8.17 22.39
C THR B 22 -3.08 7.59 21.70
N ARG B 23 -1.92 7.84 22.31
CA ARG B 23 -0.67 7.34 21.80
C ARG B 23 0.06 6.63 22.93
N GLU B 24 0.38 5.36 22.70
CA GLU B 24 1.01 4.50 23.71
C GLU B 24 2.51 4.48 23.50
N PRO B 25 3.31 5.09 24.36
CA PRO B 25 4.73 5.28 24.05
C PRO B 25 5.48 3.97 24.07
N LEU B 26 6.31 3.78 23.05
CA LEU B 26 7.29 2.70 23.09
C LEU B 26 8.59 3.13 23.76
N ASP B 27 8.95 4.40 23.64
CA ASP B 27 10.14 5.03 24.18
C ASP B 27 9.87 6.53 24.12
N PRO B 28 10.82 7.42 24.40
CA PRO B 28 10.48 8.86 24.34
C PRO B 28 9.90 9.31 23.02
N VAL B 29 10.27 8.68 21.90
CA VAL B 29 10.00 9.24 20.59
C VAL B 29 8.96 8.46 19.81
N ARG B 30 8.81 7.16 20.04
CA ARG B 30 7.89 6.37 19.24
C ARG B 30 6.72 5.87 20.07
N PHE B 31 5.71 5.34 19.39
CA PHE B 31 4.45 5.00 20.05
C PHE B 31 3.59 4.17 19.11
N ILE B 32 2.50 3.64 19.66
CA ILE B 32 1.40 3.09 18.87
C ILE B 32 0.26 4.10 18.87
N GLY B 33 -0.28 4.39 17.68
CA GLY B 33 -1.33 5.38 17.53
C GLY B 33 -2.39 4.91 16.54
N ASN B 34 -3.37 5.77 16.33
CA ASN B 34 -4.39 5.49 15.32
C ASN B 34 -4.63 6.74 14.48
N ARG B 35 -5.51 6.60 13.50
CA ARG B 35 -5.74 7.63 12.52
C ARG B 35 -6.91 8.53 12.87
N SER B 36 -7.54 8.32 14.01
CA SER B 36 -8.74 9.08 14.31
C SER B 36 -8.38 10.56 14.49
N SER B 37 -9.31 11.42 14.12
CA SER B 37 -8.99 12.84 14.06
C SER B 37 -9.38 13.61 15.31
N GLY B 38 -10.39 13.12 16.05
CA GLY B 38 -10.95 13.83 17.20
C GLY B 38 -11.96 14.90 16.86
N LYS B 39 -12.27 15.12 15.57
CA LYS B 39 -13.02 16.30 15.15
C LYS B 39 -14.52 16.18 15.45
N GLN B 40 -15.07 14.97 15.40
CA GLN B 40 -16.45 14.79 15.81
C GLN B 40 -16.60 14.98 17.31
N GLY B 41 -15.59 14.55 18.08
CA GLY B 41 -15.60 14.82 19.51
C GLY B 41 -15.55 16.30 19.83
N TYR B 42 -14.70 17.05 19.10
CA TYR B 42 -14.59 18.49 19.30
C TYR B 42 -15.90 19.20 18.98
N ALA B 43 -16.60 18.78 17.92
CA ALA B 43 -17.85 19.42 17.54
C ALA B 43 -18.92 19.22 18.61
N VAL B 44 -18.94 18.06 19.25
CA VAL B 44 -19.89 17.79 20.34
C VAL B 44 -19.55 18.65 21.57
N ALA B 45 -18.27 18.76 21.92
CA ALA B 45 -17.87 19.65 23.02
C ALA B 45 -18.25 21.09 22.72
N ARG B 46 -18.12 21.49 21.45
CA ARG B 46 -18.37 22.85 21.05
C ARG B 46 -19.86 23.17 21.05
N VAL B 47 -20.66 22.29 20.44
CA VAL B 47 -22.11 22.44 20.46
C VAL B 47 -22.63 22.46 21.89
N LEU B 48 -22.07 21.62 22.75
CA LEU B 48 -22.54 21.58 24.13
C LEU B 48 -22.27 22.90 24.83
N ALA B 49 -21.12 23.50 24.57
CA ALA B 49 -20.80 24.77 25.21
C ALA B 49 -21.62 25.91 24.62
N GLN B 50 -21.84 25.86 23.30
CA GLN B 50 -22.73 26.80 22.63
C GLN B 50 -24.14 26.76 23.20
N ARG B 51 -24.53 25.66 23.83
CA ARG B 51 -25.88 25.54 24.37
C ARG B 51 -25.90 25.64 25.89
N GLY B 52 -24.83 26.14 26.51
CA GLY B 52 -24.83 26.50 27.92
C GLY B 52 -24.14 25.53 28.86
N ALA B 53 -23.69 24.38 28.38
CA ALA B 53 -23.01 23.44 29.26
C ALA B 53 -21.66 24.00 29.70
N ASP B 54 -21.30 23.68 30.94
CA ASP B 54 -19.94 23.89 31.41
C ASP B 54 -19.11 22.67 31.00
N VAL B 55 -18.24 22.85 29.99
CA VAL B 55 -17.61 21.74 29.27
C VAL B 55 -16.12 21.67 29.61
N THR B 56 -15.66 20.45 29.98
CA THR B 56 -14.25 20.08 30.10
C THR B 56 -13.94 19.06 29.01
N LEU B 57 -12.88 19.30 28.25
CA LEU B 57 -12.55 18.46 27.10
C LEU B 57 -11.18 17.87 27.30
N ILE B 58 -11.11 16.54 27.46
CA ILE B 58 -9.86 15.83 27.55
C ILE B 58 -9.47 15.44 26.13
N ALA B 59 -8.40 16.05 25.61
CA ALA B 59 -8.01 15.88 24.22
C ALA B 59 -6.75 15.03 24.12
N GLY B 60 -6.78 14.05 23.22
CA GLY B 60 -5.61 13.25 22.92
C GLY B 60 -4.85 13.83 21.76
N ASN B 61 -4.76 13.07 20.67
CA ASN B 61 -3.82 13.37 19.59
C ASN B 61 -4.50 14.34 18.60
N THR B 62 -4.63 15.60 19.04
CA THR B 62 -5.46 16.58 18.33
C THR B 62 -4.76 17.94 18.20
N ALA B 63 -3.44 17.95 18.06
CA ALA B 63 -2.70 19.21 18.16
C ALA B 63 -3.02 20.18 17.03
N GLY B 64 -3.48 19.68 15.89
CA GLY B 64 -3.84 20.62 14.84
C GLY B 64 -5.19 21.29 14.96
N LEU B 65 -6.00 20.91 15.95
CA LEU B 65 -7.38 21.37 16.08
C LEU B 65 -7.47 22.61 16.95
N ILE B 66 -8.49 23.43 16.67
CA ILE B 66 -8.76 24.65 17.42
C ILE B 66 -9.51 24.28 18.71
N ASP B 67 -9.01 24.79 19.85
CA ASP B 67 -9.72 24.60 21.11
C ASP B 67 -11.09 25.24 21.02
N PRO B 68 -12.16 24.53 21.36
CA PRO B 68 -13.50 25.16 21.30
C PRO B 68 -13.63 26.24 22.36
N ALA B 69 -14.25 27.36 21.97
CA ALA B 69 -14.40 28.48 22.88
C ALA B 69 -15.29 28.09 24.06
N GLY B 70 -14.96 28.64 25.23
CA GLY B 70 -15.69 28.37 26.46
C GLY B 70 -15.41 27.04 27.12
N VAL B 71 -14.46 26.26 26.59
CA VAL B 71 -14.25 24.89 27.01
C VAL B 71 -12.95 24.78 27.80
N GLU B 72 -12.99 24.08 28.94
CA GLU B 72 -11.80 23.74 29.72
C GLU B 72 -11.01 22.64 29.04
N MET B 73 -9.78 22.94 28.65
CA MET B 73 -8.93 22.00 27.93
C MET B 73 -8.11 21.17 28.92
N VAL B 74 -8.08 19.86 28.73
CA VAL B 74 -7.21 18.95 29.46
C VAL B 74 -6.52 18.06 28.46
N HIS B 75 -5.19 18.12 28.40
CA HIS B 75 -4.43 17.46 27.34
C HIS B 75 -3.79 16.18 27.86
N ILE B 76 -3.96 15.08 27.11
CA ILE B 76 -3.39 13.80 27.48
C ILE B 76 -2.62 13.22 26.30
N GLY B 77 -1.80 12.21 26.58
CA GLY B 77 -1.09 11.52 25.53
C GLY B 77 -1.59 10.10 25.41
N SER B 78 -1.65 9.46 26.56
CA SER B 78 -1.74 8.02 26.71
C SER B 78 -3.11 7.58 27.19
N ALA B 79 -3.40 6.28 26.97
CA ALA B 79 -4.68 5.72 27.37
C ALA B 79 -4.81 5.68 28.87
N THR B 80 -3.68 5.58 29.57
CA THR B 80 -3.68 5.60 31.02
C THR B 80 -3.77 7.03 31.52
N GLN B 81 -3.14 7.96 30.83
CA GLN B 81 -3.33 9.37 31.15
C GLN B 81 -4.75 9.82 30.88
N LEU B 82 -5.37 9.33 29.80
CA LEU B 82 -6.78 9.63 29.59
C LEU B 82 -7.62 9.08 30.74
N ARG B 83 -7.32 7.84 31.16
CA ARG B 83 -8.04 7.21 32.25
C ARG B 83 -7.95 8.04 33.54
N ASP B 84 -6.75 8.53 33.88
CA ASP B 84 -6.61 9.25 35.14
C ASP B 84 -7.23 10.63 35.06
N ALA B 85 -7.24 11.22 33.86
CA ALA B 85 -7.90 12.52 33.69
C ALA B 85 -9.41 12.37 33.81
N VAL B 86 -9.97 11.31 33.25
CA VAL B 86 -11.39 11.05 33.43
C VAL B 86 -11.68 10.83 34.90
N SER B 87 -10.88 9.98 35.55
CA SER B 87 -11.06 9.67 36.96
C SER B 87 -10.97 10.93 37.83
N LYS B 88 -10.09 11.86 37.47
CA LYS B 88 -9.99 13.10 38.23
C LYS B 88 -11.22 13.98 38.04
N HIS B 89 -11.74 14.04 36.83
CA HIS B 89 -12.79 14.99 36.48
C HIS B 89 -14.18 14.36 36.49
N ALA B 90 -14.29 13.04 36.59
CA ALA B 90 -15.61 12.41 36.49
C ALA B 90 -16.53 12.77 37.65
N PRO B 91 -16.10 12.76 38.92
CA PRO B 91 -17.08 12.87 40.01
C PRO B 91 -17.94 14.14 39.97
N ASP B 92 -17.45 15.22 39.36
CA ASP B 92 -18.21 16.46 39.39
C ASP B 92 -19.07 16.67 38.15
N ALA B 93 -18.93 15.86 37.12
CA ALA B 93 -19.67 16.08 35.89
C ALA B 93 -21.03 15.41 35.92
N ASN B 94 -21.94 15.91 35.10
CA ASN B 94 -23.28 15.35 34.90
C ASN B 94 -23.40 14.51 33.63
N VAL B 95 -22.60 14.78 32.62
CA VAL B 95 -22.62 14.02 31.37
C VAL B 95 -21.17 13.65 31.07
N LEU B 96 -20.95 12.42 30.59
CA LEU B 96 -19.65 12.01 30.08
C LEU B 96 -19.83 11.52 28.65
N VAL B 97 -19.09 12.12 27.72
CA VAL B 97 -19.09 11.69 26.32
C VAL B 97 -17.73 11.11 26.01
N MET B 98 -17.69 9.83 25.66
CA MET B 98 -16.43 9.17 25.35
C MET B 98 -16.34 9.02 23.83
N ALA B 99 -15.86 10.09 23.17
CA ALA B 99 -15.63 10.08 21.74
C ALA B 99 -14.21 9.65 21.36
N ALA B 100 -13.33 9.49 22.34
CA ALA B 100 -11.94 9.24 22.07
C ALA B 100 -11.73 7.80 21.63
N ALA B 101 -10.81 7.61 20.69
CA ALA B 101 -10.37 6.27 20.33
C ALA B 101 -9.28 5.87 21.30
N VAL B 102 -9.69 5.20 22.38
CA VAL B 102 -8.80 4.82 23.48
C VAL B 102 -8.11 3.52 23.10
N ALA B 103 -6.78 3.54 23.15
CA ALA B 103 -5.98 2.37 22.80
C ALA B 103 -6.28 1.24 23.76
N ASP B 104 -6.67 0.10 23.21
CA ASP B 104 -6.97 -1.05 24.05
C ASP B 104 -5.72 -1.76 24.54
N PHE B 105 -4.57 -1.53 23.88
CA PHE B 105 -3.30 -2.13 24.26
C PHE B 105 -2.22 -1.07 24.39
N ARG B 106 -1.10 -1.50 24.99
CA ARG B 106 0.01 -0.67 25.37
C ARG B 106 1.29 -1.50 25.30
N PRO B 107 2.42 -0.90 24.97
CA PRO B 107 3.70 -1.59 25.19
C PRO B 107 3.79 -2.08 26.63
N ALA B 108 4.26 -3.30 26.81
CA ALA B 108 4.37 -3.85 28.16
C ALA B 108 5.39 -3.07 29.00
N HIS B 109 6.49 -2.66 28.36
CA HIS B 109 7.51 -1.84 29.01
C HIS B 109 7.90 -0.71 28.09
N VAL B 110 7.98 0.50 28.62
CA VAL B 110 8.39 1.65 27.83
C VAL B 110 9.85 1.96 28.16
N ALA B 111 10.68 2.03 27.14
CA ALA B 111 12.10 2.35 27.32
C ALA B 111 12.29 3.81 27.69
N ALA B 112 13.31 4.07 28.50
CA ALA B 112 13.62 5.43 28.94
C ALA B 112 14.49 6.18 27.95
N ALA B 113 15.16 5.50 27.04
CA ALA B 113 15.89 6.15 25.96
C ALA B 113 15.45 5.57 24.64
N LYS B 114 15.79 6.28 23.57
CA LYS B 114 15.49 5.84 22.21
C LYS B 114 15.99 4.42 21.98
N ILE B 115 15.06 3.55 21.61
CA ILE B 115 15.37 2.14 21.42
C ILE B 115 16.23 1.96 20.18
N LYS B 116 17.31 1.18 20.30
CA LYS B 116 18.19 0.85 19.18
C LYS B 116 18.54 -0.62 19.31
N LYS B 117 17.83 -1.43 18.56
CA LYS B 117 17.98 -2.84 18.57
C LYS B 117 19.17 -3.44 17.87
N GLY B 118 19.26 -4.73 18.10
CA GLY B 118 20.31 -5.56 17.62
C GLY B 118 20.37 -5.88 16.16
N ALA B 119 19.89 -7.08 15.87
CA ALA B 119 19.86 -7.69 14.56
C ALA B 119 19.91 -9.18 14.72
N SER B 123 13.14 -9.23 16.83
CA SER B 123 12.55 -8.13 17.59
C SER B 123 11.02 -8.17 17.57
N SER B 124 10.40 -7.63 18.62
CA SER B 124 8.96 -7.71 18.80
C SER B 124 8.54 -6.69 19.85
N ILE B 125 7.24 -6.46 19.94
CA ILE B 125 6.66 -5.60 20.95
C ILE B 125 5.70 -6.43 21.77
N ASP B 126 6.04 -6.69 23.02
CA ASP B 126 5.11 -7.38 23.91
C ASP B 126 4.11 -6.36 24.45
N LEU B 127 2.82 -6.71 24.43
CA LEU B 127 1.75 -5.78 24.75
C LEU B 127 1.06 -6.16 26.06
N VAL B 128 0.47 -5.16 26.71
CA VAL B 128 -0.44 -5.35 27.85
C VAL B 128 -1.71 -4.53 27.61
N ARG B 129 -2.78 -4.92 28.31
CA ARG B 129 -4.10 -4.35 28.08
C ARG B 129 -4.30 -3.07 28.90
N ASN B 130 -4.92 -2.07 28.28
CA ASN B 130 -5.35 -0.83 28.94
C ASN B 130 -6.77 -0.99 29.48
N ASP B 131 -7.07 -0.26 30.56
CA ASP B 131 -8.42 -0.26 31.10
C ASP B 131 -9.44 0.36 30.15
N ASP B 132 -10.61 -0.28 30.07
CA ASP B 132 -11.80 0.29 29.44
C ASP B 132 -12.31 1.41 30.31
N VAL B 133 -11.91 2.64 29.95
CA VAL B 133 -12.28 3.81 30.72
C VAL B 133 -13.80 3.96 30.79
N LEU B 134 -14.46 3.87 29.64
CA LEU B 134 -15.91 3.97 29.57
C LEU B 134 -16.60 2.94 30.47
N ALA B 135 -16.16 1.67 30.40
CA ALA B 135 -16.77 0.65 31.24
C ALA B 135 -16.45 0.89 32.72
N GLY B 136 -15.26 1.37 33.04
CA GLY B 136 -14.99 1.81 34.40
C GLY B 136 -15.94 2.90 34.87
N ALA B 137 -16.34 3.78 33.96
CA ALA B 137 -17.26 4.86 34.32
C ALA B 137 -18.67 4.34 34.56
N VAL B 138 -19.16 3.46 33.68
CA VAL B 138 -20.47 2.85 33.89
C VAL B 138 -20.48 2.09 35.20
N ARG B 139 -19.43 1.32 35.47
CA ARG B 139 -19.35 0.55 36.71
C ARG B 139 -19.34 1.46 37.94
N ALA B 140 -18.50 2.50 37.92
CA ALA B 140 -18.38 3.37 39.08
C ALA B 140 -19.72 4.02 39.43
N ARG B 141 -20.49 4.38 38.42
CA ARG B 141 -21.83 4.92 38.67
C ARG B 141 -22.75 3.83 39.23
N ALA B 142 -22.61 2.59 38.74
CA ALA B 142 -23.40 1.48 39.25
C ALA B 142 -23.11 1.21 40.73
N ASP B 143 -21.88 1.43 41.18
CA ASP B 143 -21.48 1.17 42.54
C ASP B 143 -21.70 2.36 43.46
N GLY B 144 -22.38 3.40 43.00
CA GLY B 144 -22.63 4.57 43.82
C GLY B 144 -21.53 5.60 43.84
N GLN B 145 -20.51 5.47 42.99
CA GLN B 145 -19.35 6.34 43.07
C GLN B 145 -19.50 7.64 42.28
N LEU B 146 -20.57 7.81 41.51
CA LEU B 146 -20.73 8.95 40.61
C LEU B 146 -22.15 9.49 40.72
N PRO B 147 -22.52 10.05 41.87
CA PRO B 147 -23.92 10.48 42.06
C PRO B 147 -24.34 11.67 41.21
N ASN B 148 -23.42 12.46 40.66
CA ASN B 148 -23.84 13.57 39.81
C ASN B 148 -24.07 13.14 38.37
N MET B 149 -23.72 11.90 38.01
CA MET B 149 -23.70 11.49 36.61
C MET B 149 -25.10 11.06 36.16
N ARG B 150 -25.59 11.72 35.11
CA ARG B 150 -26.90 11.43 34.57
C ARG B 150 -26.87 10.76 33.19
N ALA B 151 -25.83 10.97 32.40
CA ALA B 151 -25.77 10.40 31.04
C ALA B 151 -24.34 10.00 30.70
N ILE B 152 -24.13 8.72 30.40
CA ILE B 152 -22.86 8.21 29.88
C ILE B 152 -23.08 7.89 28.40
N VAL B 153 -22.26 8.48 27.52
CA VAL B 153 -22.39 8.35 26.07
C VAL B 153 -21.11 7.71 25.52
N GLY B 154 -21.27 6.65 24.72
CA GLY B 154 -20.15 5.98 24.08
C GLY B 154 -20.11 6.26 22.59
N PHE B 155 -18.96 5.95 21.99
CA PHE B 155 -18.75 6.10 20.56
C PHE B 155 -18.30 4.78 19.95
N ALA B 156 -18.65 4.58 18.69
CA ALA B 156 -18.31 3.34 18.02
C ALA B 156 -18.27 3.60 16.54
N ALA B 157 -17.22 3.14 15.87
CA ALA B 157 -17.24 3.03 14.42
C ALA B 157 -17.33 1.54 14.10
N GLU B 158 -18.40 1.14 13.42
CA GLU B 158 -18.67 -0.27 13.14
C GLU B 158 -19.02 -0.46 11.67
N THR B 159 -18.96 -1.71 11.23
CA THR B 159 -19.34 -2.07 9.85
C THR B 159 -19.67 -3.55 9.73
N ASN B 163 -21.31 -12.02 9.50
CA ASN B 163 -21.31 -11.97 10.95
C ASN B 163 -22.20 -10.82 11.44
N GLY B 164 -23.24 -10.52 10.67
CA GLY B 164 -24.11 -9.43 11.03
C GLY B 164 -23.65 -8.12 10.43
N ASP B 165 -24.57 -7.17 10.41
CA ASP B 165 -24.41 -5.92 9.68
C ASP B 165 -23.77 -4.88 10.60
N VAL B 166 -23.95 -3.59 10.27
CA VAL B 166 -23.51 -2.52 11.16
C VAL B 166 -24.27 -2.56 12.48
N LEU B 167 -25.53 -3.00 12.45
CA LEU B 167 -26.38 -2.97 13.64
C LEU B 167 -26.25 -4.21 14.51
N PHE B 168 -25.76 -5.32 13.96
CA PHE B 168 -25.49 -6.44 14.84
C PHE B 168 -24.41 -6.08 15.85
N HIS B 169 -23.30 -5.51 15.37
CA HIS B 169 -22.19 -5.17 16.25
C HIS B 169 -22.47 -3.94 17.11
N ALA B 170 -23.40 -3.08 16.68
CA ALA B 170 -23.65 -1.82 17.38
C ALA B 170 -24.55 -2.02 18.60
N ARG B 171 -25.65 -2.75 18.44
CA ARG B 171 -26.41 -3.18 19.60
C ARG B 171 -25.57 -4.06 20.52
N ALA B 172 -24.84 -5.01 19.94
CA ALA B 172 -24.01 -5.90 20.75
C ALA B 172 -23.03 -5.11 21.61
N LYS B 173 -22.54 -3.99 21.08
CA LYS B 173 -21.61 -3.18 21.86
C LYS B 173 -22.34 -2.29 22.86
N LEU B 174 -23.48 -1.71 22.46
CA LEU B 174 -24.32 -0.95 23.38
C LEU B 174 -24.65 -1.74 24.62
N GLU B 175 -25.07 -3.00 24.43
CA GLU B 175 -25.38 -3.88 25.55
C GLU B 175 -24.12 -4.15 26.39
N ARG B 176 -23.03 -4.51 25.71
CA ARG B 176 -21.81 -4.88 26.40
C ARG B 176 -21.23 -3.75 27.22
N LYS B 177 -21.42 -2.50 26.76
CA LYS B 177 -20.84 -1.34 27.44
C LYS B 177 -21.75 -0.77 28.52
N GLY B 178 -23.04 -1.09 28.48
CA GLY B 178 -23.94 -0.67 29.54
C GLY B 178 -24.12 0.83 29.69
N CYS B 179 -23.88 1.60 28.64
CA CYS B 179 -24.01 3.05 28.73
C CYS B 179 -25.38 3.52 28.22
N ASP B 180 -25.65 4.81 28.42
CA ASP B 180 -26.95 5.36 28.10
C ASP B 180 -27.12 5.55 26.60
N LEU B 181 -26.07 5.99 25.92
CA LEU B 181 -26.18 6.29 24.50
C LEU B 181 -24.91 5.83 23.80
N LEU B 182 -25.09 5.27 22.61
CA LEU B 182 -24.00 4.83 21.74
C LEU B 182 -24.17 5.45 20.37
N VAL B 183 -23.20 6.27 19.96
CA VAL B 183 -23.24 6.90 18.64
C VAL B 183 -22.30 6.13 17.71
N VAL B 184 -22.85 5.61 16.62
CA VAL B 184 -22.18 4.62 15.81
C VAL B 184 -21.84 5.26 14.47
N ASN B 185 -20.59 5.08 14.04
CA ASN B 185 -20.18 5.40 12.69
C ASN B 185 -19.74 4.14 11.94
N GLY B 200 -24.47 5.99 9.84
CA GLY B 200 -24.54 6.37 11.24
C GLY B 200 -25.83 6.01 11.96
N TRP B 201 -25.75 5.87 13.28
CA TRP B 201 -26.89 5.51 14.12
C TRP B 201 -26.71 6.11 15.50
N LEU B 202 -27.82 6.22 16.23
CA LEU B 202 -27.84 6.73 17.59
C LEU B 202 -28.71 5.81 18.43
N LEU B 203 -28.10 5.06 19.34
CA LEU B 203 -28.77 3.99 20.07
C LEU B 203 -28.91 4.40 21.54
N SER B 204 -30.12 4.25 22.08
CA SER B 204 -30.40 4.53 23.47
C SER B 204 -30.54 3.21 24.23
N ALA B 205 -30.22 3.25 25.52
CA ALA B 205 -30.35 2.04 26.34
C ALA B 205 -31.81 1.67 26.62
N ASP B 206 -32.78 2.46 26.15
CA ASP B 206 -34.19 2.16 26.35
C ASP B 206 -34.88 1.74 25.04
N GLY B 207 -34.12 1.25 24.06
CA GLY B 207 -34.67 0.63 22.87
C GLY B 207 -34.79 1.53 21.66
N THR B 208 -34.77 2.85 21.84
CA THR B 208 -34.95 3.75 20.70
C THR B 208 -33.69 3.84 19.86
N GLU B 209 -33.87 3.96 18.54
CA GLU B 209 -32.76 4.12 17.60
C GLU B 209 -33.17 5.11 16.52
N SER B 210 -32.28 6.07 16.24
CA SER B 210 -32.50 7.08 15.22
C SER B 210 -31.34 7.04 14.23
N ALA B 211 -31.65 6.88 12.95
CA ALA B 211 -30.62 6.92 11.93
C ALA B 211 -29.97 8.30 11.90
N LEU B 212 -28.70 8.34 11.51
CA LEU B 212 -27.96 9.59 11.35
C LEU B 212 -27.69 9.78 9.88
N GLU B 213 -28.41 10.71 9.25
CA GLU B 213 -28.15 11.01 7.85
C GLU B 213 -26.76 11.62 7.73
N HIS B 214 -25.99 11.13 6.75
CA HIS B 214 -24.60 11.54 6.63
C HIS B 214 -24.49 13.00 6.19
N GLY B 215 -24.47 13.93 7.17
CA GLY B 215 -24.24 15.34 6.90
C GLY B 215 -22.94 15.89 7.48
N SER B 216 -22.89 17.19 7.75
CA SER B 216 -21.68 17.83 8.26
C SER B 216 -21.38 17.35 9.69
N LYS B 217 -20.20 17.67 10.20
CA LYS B 217 -19.93 17.35 11.59
C LYS B 217 -20.71 18.23 12.54
N THR B 218 -21.10 19.42 12.12
CA THR B 218 -21.90 20.31 12.97
C THR B 218 -23.37 19.85 13.04
N LEU B 219 -23.92 19.38 11.92
CA LEU B 219 -25.21 18.69 11.95
C LEU B 219 -25.16 17.45 12.81
N MET B 220 -24.09 16.64 12.71
CA MET B 220 -24.00 15.44 13.53
C MET B 220 -23.94 15.80 15.02
N ALA B 221 -23.08 16.76 15.37
CA ALA B 221 -22.88 17.13 16.76
C ALA B 221 -24.16 17.60 17.40
N THR B 222 -24.98 18.31 16.62
CA THR B 222 -26.25 18.84 17.09
C THR B 222 -27.24 17.73 17.39
N ARG B 223 -27.40 16.79 16.45
CA ARG B 223 -28.19 15.60 16.71
C ARG B 223 -27.75 14.89 17.97
N ILE B 224 -26.43 14.76 18.19
CA ILE B 224 -25.95 14.05 19.37
C ILE B 224 -26.33 14.78 20.64
N VAL B 225 -26.21 16.11 20.64
CA VAL B 225 -26.54 16.89 21.82
C VAL B 225 -28.07 16.98 22.03
N ASP B 226 -28.88 16.90 20.97
CA ASP B 226 -30.32 16.83 21.15
C ASP B 226 -30.74 15.52 21.82
N SER B 227 -30.13 14.42 21.39
CA SER B 227 -30.42 13.15 22.04
C SER B 227 -30.00 13.17 23.51
N ILE B 228 -28.95 13.93 23.84
CA ILE B 228 -28.48 14.01 25.21
C ILE B 228 -29.49 14.76 26.07
N ALA B 229 -29.88 15.96 25.62
CA ALA B 229 -30.86 16.74 26.37
C ALA B 229 -32.19 16.01 26.46
N ALA B 230 -32.59 15.36 25.37
CA ALA B 230 -33.79 14.53 25.39
C ALA B 230 -33.66 13.40 26.40
N PHE B 231 -32.49 12.77 26.49
CA PHE B 231 -32.32 11.75 27.51
C PHE B 231 -32.38 12.36 28.91
N LEU B 232 -31.65 13.46 29.12
CA LEU B 232 -31.65 14.14 30.41
C LEU B 232 -33.08 14.52 30.82
N LYS B 233 -33.88 15.02 29.87
CA LYS B 233 -35.25 15.39 30.19
C LYS B 233 -36.13 14.18 30.47
N SER B 234 -35.83 13.05 29.83
CA SER B 234 -36.64 11.85 30.02
C SER B 234 -36.43 11.23 31.39
N GLN B 235 -35.31 11.53 32.03
CA GLN B 235 -35.00 10.96 33.33
C GLN B 235 -35.62 11.77 34.46
N HIS C 7 -10.00 19.36 -32.64
CA HIS C 7 -9.85 20.60 -31.87
C HIS C 7 -9.83 20.32 -30.36
N HIS C 8 -10.23 21.30 -29.54
CA HIS C 8 -10.06 21.21 -28.10
C HIS C 8 -11.39 21.25 -27.35
N ASP C 9 -12.32 20.43 -27.82
CA ASP C 9 -13.57 20.03 -27.20
C ASP C 9 -13.64 20.14 -25.68
N MET C 10 -12.60 19.62 -25.01
CA MET C 10 -12.65 19.27 -23.61
C MET C 10 -11.83 20.21 -22.74
N ALA C 11 -11.41 21.35 -23.27
CA ALA C 11 -10.52 22.20 -22.49
C ALA C 11 -11.21 22.63 -21.19
N GLY C 12 -10.42 22.75 -20.12
CA GLY C 12 -10.97 23.14 -18.84
C GLY C 12 -11.82 22.09 -18.16
N VAL C 13 -11.82 20.87 -18.67
CA VAL C 13 -12.53 19.74 -18.08
C VAL C 13 -11.51 18.87 -17.36
N LYS C 14 -11.73 18.60 -16.07
CA LYS C 14 -10.90 17.66 -15.33
C LYS C 14 -11.52 16.27 -15.41
N ALA C 15 -10.78 15.31 -15.95
CA ALA C 15 -11.28 13.96 -16.21
C ALA C 15 -10.48 12.93 -15.42
N LEU C 16 -11.19 12.01 -14.76
CA LEU C 16 -10.57 10.95 -13.98
C LEU C 16 -10.92 9.62 -14.64
N VAL C 17 -9.91 8.85 -15.02
CA VAL C 17 -10.13 7.60 -15.76
C VAL C 17 -9.49 6.45 -15.00
N THR C 18 -10.20 5.33 -14.89
CA THR C 18 -9.63 4.07 -14.42
C THR C 18 -9.58 3.07 -15.57
N ALA C 19 -8.52 2.27 -15.59
CA ALA C 19 -8.34 1.31 -16.66
C ALA C 19 -7.59 0.11 -16.10
N GLY C 20 -7.75 -1.01 -16.79
CA GLY C 20 -7.01 -2.22 -16.47
C GLY C 20 -7.83 -3.12 -15.58
N GLY C 21 -7.13 -4.12 -15.01
CA GLY C 21 -7.73 -5.07 -14.08
C GLY C 21 -7.08 -4.95 -12.72
N THR C 22 -7.88 -5.13 -11.67
CA THR C 22 -7.30 -5.14 -10.34
C THR C 22 -6.77 -6.54 -10.02
N ARG C 23 -5.84 -6.59 -9.08
CA ARG C 23 -5.34 -7.84 -8.55
C ARG C 23 -5.65 -7.87 -7.07
N GLU C 24 -6.31 -8.93 -6.63
CA GLU C 24 -6.67 -9.06 -5.22
C GLU C 24 -5.72 -10.05 -4.56
N PRO C 25 -4.86 -9.61 -3.63
CA PRO C 25 -3.74 -10.46 -3.20
C PRO C 25 -4.17 -11.62 -2.30
N LEU C 26 -3.65 -12.81 -2.60
CA LEU C 26 -3.79 -13.96 -1.71
C LEU C 26 -2.68 -14.00 -0.66
N ASP C 27 -1.51 -13.49 -1.01
CA ASP C 27 -0.32 -13.51 -0.18
C ASP C 27 0.66 -12.55 -0.87
N PRO C 28 1.93 -12.47 -0.45
CA PRO C 28 2.84 -11.55 -1.16
C PRO C 28 2.99 -11.83 -2.65
N VAL C 29 2.87 -13.09 -3.08
CA VAL C 29 3.23 -13.48 -4.44
C VAL C 29 2.02 -13.78 -5.31
N ARG C 30 0.90 -14.20 -4.73
CA ARG C 30 -0.22 -14.67 -5.51
C ARG C 30 -1.40 -13.73 -5.33
N PHE C 31 -2.24 -13.67 -6.35
CA PHE C 31 -3.34 -12.72 -6.40
C PHE C 31 -4.44 -13.32 -7.27
N ILE C 32 -5.63 -12.73 -7.18
CA ILE C 32 -6.68 -12.98 -8.15
C ILE C 32 -6.70 -11.80 -9.11
N GLY C 33 -6.56 -12.09 -10.41
CA GLY C 33 -6.56 -11.07 -11.43
C GLY C 33 -7.42 -11.50 -12.60
N ASN C 34 -7.46 -10.65 -13.62
CA ASN C 34 -8.17 -10.99 -14.83
C ASN C 34 -7.33 -10.58 -16.03
N ARG C 35 -7.87 -10.76 -17.23
CA ARG C 35 -7.12 -10.63 -18.47
C ARG C 35 -7.33 -9.29 -19.16
N SER C 36 -7.84 -8.28 -18.45
CA SER C 36 -8.07 -6.97 -19.03
C SER C 36 -6.76 -6.27 -19.37
N SER C 37 -6.64 -5.84 -20.63
CA SER C 37 -5.45 -5.17 -21.15
C SER C 37 -5.39 -3.70 -20.78
N GLY C 38 -6.52 -3.06 -20.50
CA GLY C 38 -6.58 -1.63 -20.29
C GLY C 38 -6.39 -0.80 -21.52
N LYS C 39 -6.29 -1.42 -22.71
CA LYS C 39 -5.95 -0.72 -23.93
C LYS C 39 -7.05 0.25 -24.34
N GLN C 40 -8.30 -0.14 -24.16
CA GLN C 40 -9.36 0.77 -24.51
C GLN C 40 -9.51 1.87 -23.46
N GLY C 41 -9.28 1.55 -22.19
CA GLY C 41 -9.25 2.59 -21.16
C GLY C 41 -8.15 3.61 -21.41
N TYR C 42 -6.95 3.15 -21.76
CA TYR C 42 -5.86 4.07 -22.05
C TYR C 42 -6.18 4.94 -23.25
N ALA C 43 -6.78 4.35 -24.28
CA ALA C 43 -7.07 5.10 -25.49
C ALA C 43 -8.07 6.22 -25.23
N VAL C 44 -8.99 6.01 -24.28
CA VAL C 44 -9.91 7.08 -23.93
C VAL C 44 -9.20 8.19 -23.15
N ALA C 45 -8.24 7.83 -22.30
CA ALA C 45 -7.49 8.86 -21.58
C ALA C 45 -6.62 9.66 -22.54
N ARG C 46 -6.06 8.99 -23.56
CA ARG C 46 -5.22 9.69 -24.53
C ARG C 46 -6.04 10.71 -25.32
N VAL C 47 -7.27 10.34 -25.72
CA VAL C 47 -8.09 11.19 -26.59
C VAL C 47 -8.73 12.33 -25.80
N LEU C 48 -9.03 12.13 -24.52
CA LEU C 48 -9.48 13.26 -23.69
C LEU C 48 -8.39 14.31 -23.59
N ALA C 49 -7.15 13.88 -23.36
CA ALA C 49 -6.05 14.84 -23.22
C ALA C 49 -5.82 15.59 -24.52
N GLN C 50 -5.89 14.90 -25.65
CA GLN C 50 -5.72 15.50 -26.97
C GLN C 50 -6.72 16.62 -27.24
N ARG C 51 -7.87 16.60 -26.57
CA ARG C 51 -8.92 17.59 -26.78
C ARG C 51 -8.97 18.61 -25.65
N GLY C 52 -7.89 18.78 -24.91
CA GLY C 52 -7.76 19.87 -23.95
C GLY C 52 -8.00 19.50 -22.50
N ALA C 53 -8.56 18.31 -22.23
CA ALA C 53 -8.97 17.98 -20.87
C ALA C 53 -7.76 17.68 -19.99
N ASP C 54 -7.95 17.92 -18.69
CA ASP C 54 -6.96 17.65 -17.66
C ASP C 54 -7.26 16.26 -17.11
N VAL C 55 -6.47 15.25 -17.56
CA VAL C 55 -6.78 13.83 -17.32
C VAL C 55 -5.91 13.29 -16.20
N THR C 56 -6.51 12.49 -15.32
CA THR C 56 -5.81 11.65 -14.35
C THR C 56 -6.20 10.19 -14.64
N LEU C 57 -5.21 9.32 -14.80
CA LEU C 57 -5.43 7.93 -15.17
C LEU C 57 -4.98 7.02 -14.03
N ILE C 58 -5.96 6.32 -13.44
CA ILE C 58 -5.74 5.35 -12.38
C ILE C 58 -5.78 3.97 -13.05
N ALA C 59 -4.66 3.25 -12.99
CA ALA C 59 -4.44 2.10 -13.87
C ALA C 59 -4.03 0.89 -13.06
N GLY C 60 -4.84 -0.18 -13.12
CA GLY C 60 -4.47 -1.45 -12.54
C GLY C 60 -3.47 -2.22 -13.40
N ASN C 61 -3.75 -3.50 -13.63
CA ASN C 61 -2.87 -4.29 -14.48
C ASN C 61 -3.26 -4.08 -15.94
N THR C 62 -2.26 -3.83 -16.77
CA THR C 62 -2.49 -3.57 -18.19
C THR C 62 -1.59 -4.49 -19.02
N ALA C 63 -1.83 -4.49 -20.33
CA ALA C 63 -1.02 -5.28 -21.26
C ALA C 63 0.32 -4.57 -21.54
N GLY C 64 1.01 -4.25 -20.46
CA GLY C 64 2.29 -3.56 -20.55
C GLY C 64 2.18 -2.14 -21.07
N LEU C 65 1.10 -1.46 -20.74
CA LEU C 65 0.77 -0.20 -21.40
C LEU C 65 1.65 0.93 -20.88
N ILE C 66 2.35 1.58 -21.80
CA ILE C 66 3.20 2.70 -21.45
C ILE C 66 2.32 3.84 -20.97
N ASP C 67 2.80 4.56 -19.96
CA ASP C 67 2.08 5.72 -19.46
C ASP C 67 1.80 6.72 -20.58
N PRO C 68 0.55 7.11 -20.81
CA PRO C 68 0.26 8.11 -21.85
C PRO C 68 0.83 9.47 -21.50
N ALA C 69 1.35 10.16 -22.51
CA ALA C 69 2.04 11.43 -22.30
C ALA C 69 1.06 12.54 -21.98
N GLY C 70 1.44 13.39 -21.03
CA GLY C 70 0.55 14.46 -20.62
C GLY C 70 -0.59 14.03 -19.74
N VAL C 71 -0.58 12.79 -19.26
CA VAL C 71 -1.60 12.26 -18.37
C VAL C 71 -0.94 12.01 -17.02
N GLU C 72 -1.68 12.29 -15.93
CA GLU C 72 -1.18 12.06 -14.59
C GLU C 72 -1.52 10.64 -14.17
N MET C 73 -0.49 9.83 -13.90
CA MET C 73 -0.68 8.41 -13.63
C MET C 73 -0.74 8.15 -12.13
N VAL C 74 -1.73 7.35 -11.73
CA VAL C 74 -1.79 6.77 -10.40
C VAL C 74 -1.91 5.27 -10.62
N HIS C 75 -0.90 4.53 -10.26
CA HIS C 75 -0.90 3.15 -10.40
C HIS C 75 -1.43 2.58 -9.13
N ILE C 76 -2.31 1.62 -9.26
CA ILE C 76 -2.95 0.91 -8.16
C ILE C 76 -2.87 -0.59 -8.34
N GLY C 77 -3.19 -1.31 -7.29
CA GLY C 77 -3.18 -2.76 -7.29
C GLY C 77 -4.52 -3.47 -7.19
N SER C 78 -5.11 -3.43 -6.01
CA SER C 78 -6.39 -4.03 -5.69
C SER C 78 -7.62 -3.18 -5.95
N ALA C 79 -8.81 -3.78 -5.91
CA ALA C 79 -10.05 -3.02 -6.03
C ALA C 79 -10.16 -1.96 -4.93
N THR C 80 -9.70 -2.28 -3.71
CA THR C 80 -9.80 -1.32 -2.61
C THR C 80 -8.83 -0.15 -2.78
N GLN C 81 -7.65 -0.39 -3.34
CA GLN C 81 -6.75 0.72 -3.63
C GLN C 81 -7.27 1.58 -4.78
N LEU C 82 -7.93 0.95 -5.74
CA LEU C 82 -8.60 1.73 -6.78
C LEU C 82 -9.73 2.58 -6.17
N ARG C 83 -10.55 1.97 -5.31
CA ARG C 83 -11.59 2.71 -4.61
C ARG C 83 -11.01 3.90 -3.87
N ASP C 84 -9.91 3.68 -3.15
CA ASP C 84 -9.32 4.77 -2.37
C ASP C 84 -8.72 5.84 -3.27
N ALA C 85 -8.03 5.44 -4.35
CA ALA C 85 -7.46 6.44 -5.26
C ALA C 85 -8.56 7.25 -5.95
N VAL C 86 -9.67 6.58 -6.29
CA VAL C 86 -10.78 7.28 -6.95
C VAL C 86 -11.38 8.32 -6.00
N SER C 87 -11.55 7.98 -4.73
CA SER C 87 -12.13 8.98 -3.85
C SER C 87 -11.12 10.08 -3.53
N LYS C 88 -9.82 9.79 -3.59
CA LYS C 88 -8.81 10.81 -3.37
C LYS C 88 -8.80 11.87 -4.48
N HIS C 89 -9.19 11.50 -5.70
CA HIS C 89 -9.12 12.39 -6.85
C HIS C 89 -10.48 12.88 -7.31
N ALA C 90 -11.54 12.63 -6.53
CA ALA C 90 -12.93 12.97 -6.85
C ALA C 90 -13.34 14.43 -6.65
N PRO C 91 -12.88 15.13 -5.60
CA PRO C 91 -13.45 16.47 -5.29
C PRO C 91 -13.48 17.48 -6.43
N ASP C 92 -12.57 17.41 -7.40
CA ASP C 92 -12.58 18.36 -8.51
C ASP C 92 -12.66 17.67 -9.87
N ALA C 93 -13.09 16.41 -9.90
CA ALA C 93 -13.34 15.75 -11.17
C ALA C 93 -14.66 16.23 -11.76
N ASN C 94 -14.64 16.57 -13.05
CA ASN C 94 -15.85 16.92 -13.78
C ASN C 94 -16.41 15.74 -14.57
N VAL C 95 -15.59 14.74 -14.87
CA VAL C 95 -15.97 13.56 -15.62
C VAL C 95 -15.30 12.35 -14.98
N LEU C 96 -16.05 11.28 -14.77
CA LEU C 96 -15.49 10.02 -14.31
C LEU C 96 -15.76 8.94 -15.35
N VAL C 97 -14.71 8.23 -15.75
CA VAL C 97 -14.78 7.11 -16.69
C VAL C 97 -14.21 5.88 -16.00
N MET C 98 -15.07 4.90 -15.69
CA MET C 98 -14.67 3.65 -15.04
C MET C 98 -14.52 2.54 -16.08
N ALA C 99 -13.33 2.48 -16.69
CA ALA C 99 -13.00 1.46 -17.66
C ALA C 99 -12.33 0.25 -17.02
N ALA C 100 -11.97 0.37 -15.74
CA ALA C 100 -11.28 -0.71 -15.06
C ALA C 100 -12.20 -1.90 -14.83
N ALA C 101 -11.60 -3.10 -14.83
CA ALA C 101 -12.26 -4.30 -14.33
C ALA C 101 -11.96 -4.38 -12.85
N VAL C 102 -12.87 -3.85 -12.04
CA VAL C 102 -12.74 -3.81 -10.60
C VAL C 102 -13.26 -5.14 -10.06
N ALA C 103 -12.39 -5.85 -9.33
CA ALA C 103 -12.76 -7.15 -8.78
C ALA C 103 -13.90 -7.02 -7.78
N ASP C 104 -14.91 -7.87 -7.92
CA ASP C 104 -16.05 -7.81 -7.01
C ASP C 104 -15.80 -8.51 -5.70
N PHE C 105 -14.89 -9.48 -5.69
CA PHE C 105 -14.49 -10.21 -4.50
C PHE C 105 -12.99 -10.08 -4.28
N ARG C 106 -12.59 -10.01 -3.02
CA ARG C 106 -11.22 -10.09 -2.56
C ARG C 106 -11.14 -11.20 -1.54
N PRO C 107 -9.99 -11.85 -1.41
CA PRO C 107 -9.84 -12.87 -0.37
C PRO C 107 -10.21 -12.32 1.00
N ALA C 108 -10.83 -13.18 1.82
CA ALA C 108 -11.26 -12.77 3.15
C ALA C 108 -10.06 -12.48 4.04
N HIS C 109 -8.98 -13.23 3.87
CA HIS C 109 -7.76 -13.04 4.63
C HIS C 109 -6.57 -13.18 3.70
N VAL C 110 -5.64 -12.24 3.80
CA VAL C 110 -4.42 -12.24 3.01
C VAL C 110 -3.31 -12.80 3.88
N ALA C 111 -2.53 -13.71 3.34
CA ALA C 111 -1.58 -14.46 4.16
C ALA C 111 -0.33 -13.65 4.43
N PRO C 122 -5.67 -28.98 0.69
CA PRO C 122 -5.59 -27.53 0.48
C PRO C 122 -6.89 -26.80 0.80
N SER C 123 -6.80 -25.76 1.62
CA SER C 123 -8.00 -25.09 2.09
C SER C 123 -8.57 -24.17 1.01
N SER C 124 -9.89 -24.09 0.97
CA SER C 124 -10.57 -23.18 0.07
C SER C 124 -10.39 -21.73 0.53
N ILE C 125 -10.52 -20.82 -0.43
CA ILE C 125 -10.34 -19.39 -0.22
C ILE C 125 -11.72 -18.75 -0.12
N ASP C 126 -12.06 -18.22 1.05
CA ASP C 126 -13.28 -17.45 1.19
C ASP C 126 -13.06 -16.01 0.74
N LEU C 127 -14.10 -15.43 0.16
CA LEU C 127 -14.04 -14.07 -0.37
C LEU C 127 -14.91 -13.14 0.45
N VAL C 128 -14.56 -11.85 0.41
CA VAL C 128 -15.46 -10.80 0.85
C VAL C 128 -15.69 -9.87 -0.33
N ARG C 129 -16.80 -9.15 -0.27
CA ARG C 129 -17.20 -8.27 -1.35
C ARG C 129 -16.37 -7.00 -1.36
N ASN C 130 -15.92 -6.63 -2.54
CA ASN C 130 -15.28 -5.34 -2.74
C ASN C 130 -16.35 -4.28 -2.98
N ASP C 131 -15.99 -3.03 -2.68
CA ASP C 131 -16.93 -1.96 -2.92
C ASP C 131 -17.12 -1.77 -4.42
N ASP C 132 -18.36 -1.51 -4.81
CA ASP C 132 -18.70 -1.09 -6.17
C ASP C 132 -18.34 0.39 -6.25
N VAL C 133 -17.18 0.67 -6.88
CA VAL C 133 -16.69 2.05 -6.90
C VAL C 133 -17.60 2.94 -7.74
N LEU C 134 -18.09 2.43 -8.87
CA LEU C 134 -18.94 3.21 -9.76
C LEU C 134 -20.27 3.53 -9.13
N ALA C 135 -20.85 2.58 -8.39
CA ALA C 135 -22.12 2.85 -7.76
C ALA C 135 -21.98 3.88 -6.64
N GLY C 136 -20.83 3.88 -5.93
CA GLY C 136 -20.61 4.86 -4.88
C GLY C 136 -20.64 6.30 -5.39
N ALA C 137 -20.07 6.54 -6.57
CA ALA C 137 -19.98 7.90 -7.12
C ALA C 137 -21.32 8.40 -7.63
N VAL C 138 -22.14 7.50 -8.19
CA VAL C 138 -23.50 7.88 -8.59
C VAL C 138 -24.31 8.31 -7.39
N ARG C 139 -24.31 7.50 -6.33
CA ARG C 139 -25.04 7.81 -5.11
C ARG C 139 -24.55 9.09 -4.46
N ALA C 140 -23.22 9.26 -4.39
CA ALA C 140 -22.63 10.44 -3.78
C ALA C 140 -23.01 11.71 -4.55
N ARG C 141 -23.08 11.61 -5.88
CA ARG C 141 -23.47 12.78 -6.65
C ARG C 141 -24.95 13.09 -6.48
N ALA C 142 -25.79 12.06 -6.50
CA ALA C 142 -27.23 12.23 -6.29
C ALA C 142 -27.54 12.75 -4.90
N ASP C 143 -26.62 12.59 -3.96
CA ASP C 143 -26.77 13.10 -2.62
C ASP C 143 -26.02 14.40 -2.41
N GLY C 144 -25.54 15.01 -3.49
CA GLY C 144 -24.95 16.33 -3.41
C GLY C 144 -23.49 16.38 -3.03
N GLN C 145 -22.82 15.22 -2.92
CA GLN C 145 -21.44 15.17 -2.46
C GLN C 145 -20.40 15.32 -3.56
N LEU C 146 -20.81 15.35 -4.84
CA LEU C 146 -19.91 15.60 -5.96
C LEU C 146 -20.50 16.66 -6.88
N PRO C 147 -20.61 17.90 -6.40
CA PRO C 147 -21.21 18.93 -7.23
C PRO C 147 -20.43 19.20 -8.51
N ASN C 148 -19.13 18.90 -8.53
CA ASN C 148 -18.31 19.15 -9.71
C ASN C 148 -18.48 18.08 -10.77
N MET C 149 -19.09 16.96 -10.41
CA MET C 149 -19.17 15.77 -11.25
C MET C 149 -20.29 15.94 -12.27
N ARG C 150 -19.94 16.15 -13.53
CA ARG C 150 -20.94 16.39 -14.56
C ARG C 150 -21.28 15.17 -15.39
N ALA C 151 -20.39 14.19 -15.45
CA ALA C 151 -20.58 13.00 -16.29
C ALA C 151 -19.97 11.80 -15.59
N ILE C 152 -20.79 10.78 -15.31
CA ILE C 152 -20.34 9.51 -14.75
C ILE C 152 -20.57 8.43 -15.82
N VAL C 153 -19.51 7.70 -16.16
CA VAL C 153 -19.51 6.84 -17.34
C VAL C 153 -19.00 5.44 -16.96
N GLY C 154 -19.79 4.42 -17.27
CA GLY C 154 -19.36 3.06 -16.99
C GLY C 154 -19.00 2.24 -18.22
N PHE C 155 -18.23 1.16 -18.01
CA PHE C 155 -17.85 0.21 -19.05
C PHE C 155 -18.46 -1.14 -18.75
N ALA C 156 -18.64 -1.94 -19.80
CA ALA C 156 -19.12 -3.30 -19.62
C ALA C 156 -18.71 -4.15 -20.82
N ALA C 157 -18.27 -5.38 -20.54
CA ALA C 157 -18.04 -6.42 -21.54
C ALA C 157 -19.12 -7.48 -21.32
N GLU C 158 -20.17 -7.45 -22.14
CA GLU C 158 -21.39 -8.22 -21.94
C GLU C 158 -21.49 -9.34 -22.96
N THR C 159 -22.23 -10.38 -22.62
CA THR C 159 -22.51 -11.49 -23.52
C THR C 159 -23.99 -11.88 -23.35
N GLY C 160 -24.48 -12.67 -24.30
CA GLY C 160 -25.81 -13.23 -24.22
C GLY C 160 -25.70 -14.63 -23.68
N ASP C 161 -26.74 -15.09 -22.99
CA ASP C 161 -26.67 -16.41 -22.39
C ASP C 161 -28.09 -16.92 -22.20
N ALA C 162 -28.24 -17.96 -21.39
CA ALA C 162 -29.54 -18.59 -21.16
C ALA C 162 -30.52 -17.66 -20.46
N ASN C 163 -30.01 -16.57 -19.87
CA ASN C 163 -30.81 -15.69 -19.03
C ASN C 163 -31.18 -14.40 -19.73
N GLY C 164 -30.70 -14.20 -20.96
CA GLY C 164 -31.04 -13.01 -21.69
C GLY C 164 -30.01 -12.72 -22.76
N ASP C 165 -30.47 -12.09 -23.84
CA ASP C 165 -29.60 -11.68 -24.92
C ASP C 165 -28.67 -10.57 -24.44
N VAL C 166 -27.62 -10.30 -25.23
CA VAL C 166 -26.54 -9.43 -24.75
C VAL C 166 -27.04 -8.02 -24.49
N LEU C 167 -27.95 -7.54 -25.33
CA LEU C 167 -28.47 -6.19 -25.17
C LEU C 167 -29.39 -6.08 -23.96
N PHE C 168 -30.15 -7.15 -23.69
CA PHE C 168 -30.97 -7.18 -22.49
C PHE C 168 -30.10 -7.08 -21.25
N HIS C 169 -28.97 -7.79 -21.23
CA HIS C 169 -28.05 -7.75 -20.10
C HIS C 169 -27.38 -6.38 -19.99
N ALA C 170 -27.05 -5.77 -21.13
CA ALA C 170 -26.44 -4.45 -21.16
C ALA C 170 -27.40 -3.38 -20.65
N ARG C 171 -28.64 -3.40 -21.16
CA ARG C 171 -29.65 -2.47 -20.69
C ARG C 171 -29.88 -2.60 -19.19
N ALA C 172 -29.99 -3.82 -18.69
CA ALA C 172 -30.24 -4.01 -17.26
C ALA C 172 -29.11 -3.46 -16.41
N LYS C 173 -27.87 -3.58 -16.88
CA LYS C 173 -26.74 -3.08 -16.11
C LYS C 173 -26.73 -1.56 -16.08
N LEU C 174 -27.17 -0.92 -17.17
CA LEU C 174 -27.30 0.53 -17.16
C LEU C 174 -28.28 1.00 -16.09
N GLU C 175 -29.47 0.40 -16.06
CA GLU C 175 -30.48 0.73 -15.05
C GLU C 175 -29.95 0.46 -13.64
N ARG C 176 -29.16 -0.60 -13.48
CA ARG C 176 -28.68 -1.05 -12.18
C ARG C 176 -27.56 -0.15 -11.64
N LYS C 177 -26.65 0.28 -12.50
CA LYS C 177 -25.55 1.13 -12.03
C LYS C 177 -25.97 2.59 -11.90
N GLY C 178 -26.83 3.08 -12.80
CA GLY C 178 -27.32 4.44 -12.72
C GLY C 178 -26.41 5.51 -13.26
N CYS C 179 -25.38 5.13 -14.02
CA CYS C 179 -24.47 6.13 -14.56
C CYS C 179 -25.10 6.86 -15.74
N ASP C 180 -24.44 7.93 -16.18
CA ASP C 180 -25.00 8.72 -17.26
C ASP C 180 -24.84 8.04 -18.61
N LEU C 181 -23.80 7.23 -18.77
CA LEU C 181 -23.54 6.57 -20.03
C LEU C 181 -22.85 5.26 -19.73
N LEU C 182 -23.28 4.20 -20.41
CA LEU C 182 -22.65 2.89 -20.32
C LEU C 182 -22.03 2.53 -21.66
N VAL C 183 -20.73 2.24 -21.65
CA VAL C 183 -20.02 1.82 -22.85
C VAL C 183 -19.96 0.30 -22.85
N VAL C 184 -20.56 -0.33 -23.86
CA VAL C 184 -20.76 -1.78 -23.87
C VAL C 184 -19.98 -2.39 -25.01
N ASN C 185 -19.13 -3.37 -24.69
CA ASN C 185 -18.46 -4.22 -25.66
C ASN C 185 -19.17 -5.56 -25.68
N ALA C 186 -19.69 -5.96 -26.83
CA ALA C 186 -20.22 -7.31 -27.00
C ALA C 186 -19.10 -8.35 -26.89
N ASP C 199 -17.22 -4.10 -31.50
CA ASP C 199 -18.68 -4.05 -31.69
C ASP C 199 -19.42 -3.95 -30.34
N GLY C 200 -20.44 -3.09 -30.28
CA GLY C 200 -21.16 -2.84 -29.03
C GLY C 200 -21.99 -1.55 -29.10
N TRP C 201 -22.17 -0.93 -27.93
CA TRP C 201 -23.18 0.10 -27.78
C TRP C 201 -22.72 1.24 -26.91
N LEU C 202 -23.25 2.43 -27.21
CA LEU C 202 -23.28 3.57 -26.31
C LEU C 202 -24.69 3.66 -25.76
N LEU C 203 -24.85 3.47 -24.45
CA LEU C 203 -26.16 3.49 -23.82
C LEU C 203 -26.24 4.65 -22.85
N SER C 204 -27.22 5.52 -23.05
CA SER C 204 -27.41 6.72 -22.25
C SER C 204 -28.50 6.51 -21.21
N ALA C 205 -28.46 7.36 -20.18
CA ALA C 205 -29.53 7.40 -19.18
C ALA C 205 -30.83 7.96 -19.73
N ASP C 206 -30.79 8.79 -20.78
CA ASP C 206 -32.03 9.26 -21.38
C ASP C 206 -32.69 8.23 -22.29
N GLY C 207 -32.07 7.07 -22.50
CA GLY C 207 -32.66 6.03 -23.31
C GLY C 207 -32.11 5.89 -24.71
N THR C 208 -31.36 6.88 -25.21
CA THR C 208 -30.78 6.73 -26.54
C THR C 208 -29.72 5.63 -26.53
N GLU C 209 -29.56 5.01 -27.70
CA GLU C 209 -28.61 3.92 -27.90
C GLU C 209 -27.96 4.09 -29.26
N SER C 210 -26.64 4.18 -29.28
CA SER C 210 -25.90 4.25 -30.53
C SER C 210 -25.07 2.98 -30.68
N ALA C 211 -25.09 2.42 -31.87
CA ALA C 211 -24.14 1.37 -32.22
C ALA C 211 -22.73 1.91 -32.16
N LEU C 212 -21.83 1.14 -31.54
CA LEU C 212 -20.39 1.45 -31.53
C LEU C 212 -19.75 0.56 -32.57
N GLU C 213 -19.48 1.12 -33.75
CA GLU C 213 -18.96 0.32 -34.84
C GLU C 213 -17.48 0.00 -34.61
N HIS C 214 -17.10 -1.25 -34.89
CA HIS C 214 -15.73 -1.71 -34.61
C HIS C 214 -14.72 -0.86 -35.38
N GLY C 215 -13.56 -0.68 -34.76
CA GLY C 215 -12.51 0.13 -35.33
C GLY C 215 -11.33 0.09 -34.41
N SER C 216 -10.35 0.95 -34.69
CA SER C 216 -9.18 0.99 -33.84
C SER C 216 -9.58 1.38 -32.41
N LYS C 217 -8.79 0.92 -31.43
CA LYS C 217 -8.99 1.41 -30.06
C LYS C 217 -9.01 2.94 -30.02
N THR C 218 -8.31 3.59 -30.95
CA THR C 218 -8.25 5.05 -30.98
C THR C 218 -9.53 5.65 -31.54
N LEU C 219 -10.02 5.08 -32.64
CA LEU C 219 -11.25 5.57 -33.26
C LEU C 219 -12.48 5.27 -32.41
N MET C 220 -12.50 4.13 -31.72
CA MET C 220 -13.58 3.89 -30.77
C MET C 220 -13.49 4.85 -29.59
N ALA C 221 -12.28 5.16 -29.13
CA ALA C 221 -12.11 6.16 -28.08
C ALA C 221 -12.66 7.52 -28.52
N THR C 222 -12.45 7.88 -29.78
CA THR C 222 -13.00 9.12 -30.32
C THR C 222 -14.51 9.11 -30.22
N ARG C 223 -15.14 7.99 -30.60
CA ARG C 223 -16.60 7.90 -30.57
C ARG C 223 -17.13 7.98 -29.15
N ILE C 224 -16.31 7.58 -28.18
CA ILE C 224 -16.73 7.63 -26.78
C ILE C 224 -16.62 9.05 -26.25
N VAL C 225 -15.51 9.73 -26.51
CA VAL C 225 -15.37 11.12 -26.09
C VAL C 225 -16.37 12.01 -26.83
N ASP C 226 -16.69 11.69 -28.08
CA ASP C 226 -17.75 12.39 -28.79
C ASP C 226 -19.06 12.36 -28.00
N SER C 227 -19.38 11.20 -27.43
CA SER C 227 -20.60 11.02 -26.64
C SER C 227 -20.56 11.88 -25.38
N ILE C 228 -19.44 11.84 -24.65
CA ILE C 228 -19.31 12.57 -23.40
C ILE C 228 -19.43 14.07 -23.64
N ALA C 229 -18.82 14.56 -24.72
CA ALA C 229 -18.93 15.99 -25.04
C ALA C 229 -20.38 16.36 -25.35
N ALA C 230 -21.06 15.55 -26.17
CA ALA C 230 -22.47 15.80 -26.47
C ALA C 230 -23.31 15.78 -25.20
N PHE C 231 -22.98 14.88 -24.27
CA PHE C 231 -23.72 14.81 -23.01
C PHE C 231 -23.45 16.03 -22.15
N LEU C 232 -22.17 16.35 -21.93
CA LEU C 232 -21.78 17.57 -21.21
C LEU C 232 -22.45 18.79 -21.84
N LYS C 233 -22.39 18.89 -23.18
CA LYS C 233 -23.01 19.99 -23.89
C LYS C 233 -24.53 19.91 -23.86
N SER C 234 -25.10 18.83 -23.32
CA SER C 234 -26.54 18.77 -23.09
C SER C 234 -26.92 19.15 -21.66
N GLN C 235 -25.95 19.30 -20.77
CA GLN C 235 -26.22 19.68 -19.38
C GLN C 235 -25.94 21.17 -19.15
N HIS D 7 33.56 -19.55 -25.25
CA HIS D 7 33.38 -20.53 -26.32
C HIS D 7 32.00 -21.19 -26.22
N HIS D 8 31.84 -22.30 -26.93
CA HIS D 8 30.54 -22.98 -27.02
C HIS D 8 30.55 -24.22 -26.14
N ASP D 9 30.54 -23.98 -24.82
CA ASP D 9 30.73 -25.08 -23.89
C ASP D 9 29.49 -25.94 -23.69
N MET D 10 28.31 -25.46 -24.10
CA MET D 10 27.10 -26.26 -24.09
C MET D 10 26.79 -26.87 -25.45
N ALA D 11 27.77 -26.94 -26.34
CA ALA D 11 27.50 -27.43 -27.68
C ALA D 11 26.89 -28.82 -27.60
N GLY D 12 25.95 -29.10 -28.50
CA GLY D 12 25.35 -30.40 -28.50
C GLY D 12 24.22 -30.55 -27.50
N VAL D 13 24.35 -29.93 -26.32
CA VAL D 13 23.36 -30.11 -25.26
C VAL D 13 21.98 -29.67 -25.74
N LYS D 14 20.98 -30.51 -25.50
CA LYS D 14 19.59 -30.16 -25.74
C LYS D 14 18.95 -29.84 -24.40
N ALA D 15 18.51 -28.59 -24.23
CA ALA D 15 18.02 -28.10 -22.95
C ALA D 15 16.54 -27.73 -23.06
N LEU D 16 15.75 -28.16 -22.07
CA LEU D 16 14.36 -27.75 -21.93
C LEU D 16 14.23 -26.83 -20.72
N VAL D 17 13.75 -25.61 -20.94
CA VAL D 17 13.61 -24.59 -19.91
C VAL D 17 12.14 -24.23 -19.76
N THR D 18 11.69 -24.05 -18.53
CA THR D 18 10.41 -23.41 -18.25
C THR D 18 10.66 -22.09 -17.53
N ALA D 19 9.82 -21.09 -17.83
CA ALA D 19 9.99 -19.74 -17.30
C ALA D 19 8.64 -19.03 -17.23
N GLY D 20 8.52 -18.07 -16.29
CA GLY D 20 7.28 -17.35 -16.07
C GLY D 20 6.46 -17.94 -14.93
N GLY D 21 5.30 -17.36 -14.71
CA GLY D 21 4.38 -17.94 -13.75
C GLY D 21 3.18 -18.51 -14.48
N THR D 22 2.47 -19.45 -13.86
CA THR D 22 1.25 -19.95 -14.48
C THR D 22 0.02 -19.23 -13.93
N ARG D 23 -1.06 -19.29 -14.70
CA ARG D 23 -2.34 -18.72 -14.30
C ARG D 23 -3.40 -19.80 -14.33
N GLU D 24 -4.18 -19.88 -13.26
CA GLU D 24 -5.14 -20.97 -13.09
C GLU D 24 -6.56 -20.44 -13.25
N PRO D 25 -7.22 -20.72 -14.36
CA PRO D 25 -8.51 -20.07 -14.65
C PRO D 25 -9.58 -20.37 -13.61
N LEU D 26 -10.37 -19.34 -13.31
CA LEU D 26 -11.63 -19.49 -12.61
C LEU D 26 -12.80 -19.57 -13.57
N ASP D 27 -12.65 -18.96 -14.72
CA ASP D 27 -13.67 -18.78 -15.74
C ASP D 27 -12.90 -18.22 -16.93
N PRO D 28 -13.53 -17.78 -18.01
CA PRO D 28 -12.72 -17.35 -19.18
C PRO D 28 -11.92 -16.09 -18.98
N VAL D 29 -12.17 -15.30 -17.93
CA VAL D 29 -11.52 -14.01 -17.79
C VAL D 29 -10.72 -13.86 -16.50
N ARG D 30 -10.98 -14.66 -15.47
CA ARG D 30 -10.31 -14.53 -14.18
C ARG D 30 -9.48 -15.77 -13.87
N PHE D 31 -8.48 -15.57 -13.03
CA PHE D 31 -7.50 -16.61 -12.76
C PHE D 31 -6.81 -16.30 -11.45
N ILE D 32 -6.15 -17.32 -10.90
CA ILE D 32 -5.14 -17.16 -9.86
C ILE D 32 -3.79 -17.05 -10.55
N GLY D 33 -3.01 -16.02 -10.21
CA GLY D 33 -1.75 -15.75 -10.86
C GLY D 33 -0.72 -15.32 -9.85
N ASN D 34 0.51 -15.12 -10.32
CA ASN D 34 1.56 -14.68 -9.41
C ASN D 34 2.38 -13.57 -10.07
N ARG D 35 3.23 -12.94 -9.26
CA ARG D 35 4.00 -11.76 -9.65
C ARG D 35 5.34 -12.11 -10.28
N SER D 36 5.58 -13.40 -10.57
CA SER D 36 6.80 -13.80 -11.26
C SER D 36 6.84 -13.21 -12.67
N SER D 37 8.00 -12.66 -13.02
CA SER D 37 8.19 -12.02 -14.32
C SER D 37 8.71 -12.97 -15.39
N GLY D 38 9.37 -14.07 -15.01
CA GLY D 38 9.98 -14.95 -15.97
C GLY D 38 11.28 -14.47 -16.54
N LYS D 39 11.82 -13.35 -16.04
CA LYS D 39 12.99 -12.75 -16.68
C LYS D 39 14.26 -13.58 -16.42
N GLN D 40 14.37 -14.18 -15.23
CA GLN D 40 15.58 -14.96 -14.97
C GLN D 40 15.57 -16.28 -15.75
N GLY D 41 14.40 -16.94 -15.85
CA GLY D 41 14.31 -18.12 -16.68
C GLY D 41 14.73 -17.85 -18.11
N TYR D 42 14.24 -16.75 -18.69
CA TYR D 42 14.58 -16.39 -20.06
C TYR D 42 16.07 -16.17 -20.23
N ALA D 43 16.74 -15.67 -19.18
CA ALA D 43 18.17 -15.35 -19.27
C ALA D 43 19.02 -16.60 -19.22
N VAL D 44 18.55 -17.65 -18.53
CA VAL D 44 19.25 -18.92 -18.59
C VAL D 44 19.14 -19.52 -19.99
N ALA D 45 17.93 -19.57 -20.54
CA ALA D 45 17.73 -20.11 -21.89
C ALA D 45 18.59 -19.37 -22.91
N ARG D 46 18.61 -18.04 -22.81
CA ARG D 46 19.36 -17.22 -23.74
C ARG D 46 20.86 -17.49 -23.61
N VAL D 47 21.36 -17.53 -22.38
CA VAL D 47 22.77 -17.83 -22.16
C VAL D 47 23.09 -19.25 -22.61
N LEU D 48 22.15 -20.19 -22.45
CA LEU D 48 22.38 -21.55 -22.92
C LEU D 48 22.47 -21.57 -24.44
N ALA D 49 21.61 -20.82 -25.13
CA ALA D 49 21.67 -20.78 -26.59
C ALA D 49 22.98 -20.15 -27.04
N GLN D 50 23.44 -19.11 -26.34
CA GLN D 50 24.67 -18.45 -26.73
C GLN D 50 25.89 -19.35 -26.52
N ARG D 51 25.79 -20.33 -25.63
CA ARG D 51 26.92 -21.18 -25.32
C ARG D 51 26.82 -22.55 -25.98
N GLY D 52 25.96 -22.67 -26.99
CA GLY D 52 25.97 -23.80 -27.89
C GLY D 52 24.82 -24.76 -27.74
N ALA D 53 23.91 -24.53 -26.79
CA ALA D 53 22.87 -25.52 -26.55
C ALA D 53 21.73 -25.36 -27.56
N ASP D 54 20.91 -26.37 -27.71
CA ASP D 54 19.71 -26.37 -28.53
C ASP D 54 18.60 -26.25 -27.46
N VAL D 55 17.99 -25.08 -27.41
CA VAL D 55 17.11 -24.72 -26.31
C VAL D 55 15.66 -24.69 -26.79
N THR D 56 14.78 -25.29 -25.99
CA THR D 56 13.34 -25.15 -26.08
C THR D 56 12.85 -24.54 -24.78
N LEU D 57 12.19 -23.39 -24.87
CA LEU D 57 11.79 -22.60 -23.71
C LEU D 57 10.28 -22.64 -23.60
N ILE D 58 9.79 -23.21 -22.52
CA ILE D 58 8.37 -23.29 -22.23
C ILE D 58 8.02 -22.10 -21.35
N ALA D 59 7.15 -21.21 -21.84
CA ALA D 59 6.97 -19.90 -21.23
C ALA D 59 5.52 -19.68 -20.81
N GLY D 60 5.32 -19.24 -19.57
CA GLY D 60 3.99 -18.91 -19.11
C GLY D 60 3.61 -17.46 -19.29
N ASN D 61 3.29 -16.80 -18.17
CA ASN D 61 2.81 -15.43 -18.17
C ASN D 61 3.99 -14.50 -18.44
N THR D 62 4.33 -14.32 -19.72
CA THR D 62 5.52 -13.55 -20.10
C THR D 62 5.33 -12.79 -21.41
N ALA D 63 4.11 -12.28 -21.66
CA ALA D 63 3.80 -11.65 -22.95
C ALA D 63 4.69 -10.45 -23.27
N GLY D 64 5.13 -9.70 -22.26
CA GLY D 64 5.95 -8.53 -22.54
C GLY D 64 7.40 -8.79 -22.91
N LEU D 65 7.86 -10.04 -22.89
CA LEU D 65 9.28 -10.36 -23.00
C LEU D 65 9.65 -10.78 -24.42
N ILE D 66 10.84 -10.36 -24.86
CA ILE D 66 11.33 -10.70 -26.19
C ILE D 66 11.75 -12.16 -26.17
N ASP D 67 11.36 -12.91 -27.20
CA ASP D 67 11.79 -14.31 -27.28
C ASP D 67 13.30 -14.35 -27.51
N PRO D 68 14.05 -15.16 -26.74
CA PRO D 68 15.50 -15.26 -26.99
C PRO D 68 15.78 -15.87 -28.36
N ALA D 69 16.82 -15.35 -29.02
CA ALA D 69 17.11 -15.76 -30.38
C ALA D 69 17.72 -17.15 -30.42
N GLY D 70 17.39 -17.92 -31.46
CA GLY D 70 17.80 -19.29 -31.59
C GLY D 70 17.06 -20.28 -30.72
N VAL D 71 16.12 -19.82 -29.90
CA VAL D 71 15.39 -20.66 -28.96
C VAL D 71 14.03 -20.99 -29.55
N GLU D 72 13.60 -22.23 -29.41
CA GLU D 72 12.27 -22.64 -29.85
C GLU D 72 11.27 -22.41 -28.73
N MET D 73 10.19 -21.67 -29.04
CA MET D 73 9.26 -21.15 -28.05
C MET D 73 8.03 -22.05 -27.95
N VAL D 74 7.51 -22.17 -26.73
CA VAL D 74 6.33 -22.97 -26.39
C VAL D 74 5.60 -22.19 -25.30
N HIS D 75 4.41 -21.68 -25.61
CA HIS D 75 3.65 -20.86 -24.68
C HIS D 75 2.59 -21.69 -23.98
N ILE D 76 2.45 -21.47 -22.66
CA ILE D 76 1.45 -22.16 -21.85
C ILE D 76 0.72 -21.13 -20.99
N GLY D 77 -0.42 -21.55 -20.44
CA GLY D 77 -1.16 -20.71 -19.53
C GLY D 77 -1.09 -21.22 -18.10
N SER D 78 -1.67 -22.39 -17.88
CA SER D 78 -1.84 -22.94 -16.54
C SER D 78 -0.80 -24.01 -16.22
N ALA D 79 -0.73 -24.38 -14.95
CA ALA D 79 0.22 -25.39 -14.50
C ALA D 79 0.01 -26.73 -15.21
N THR D 80 -1.23 -27.07 -15.52
CA THR D 80 -1.50 -28.34 -16.18
C THR D 80 -1.02 -28.33 -17.62
N GLN D 81 -1.23 -27.23 -18.34
CA GLN D 81 -0.69 -27.12 -19.69
C GLN D 81 0.83 -27.08 -19.68
N LEU D 82 1.42 -26.56 -18.61
CA LEU D 82 2.87 -26.62 -18.43
C LEU D 82 3.33 -28.07 -18.31
N ARG D 83 2.66 -28.84 -17.44
CA ARG D 83 3.02 -30.24 -17.24
C ARG D 83 2.99 -31.01 -18.56
N ASP D 84 1.96 -30.76 -19.39
CA ASP D 84 1.81 -31.50 -20.63
C ASP D 84 2.87 -31.10 -21.65
N ALA D 85 3.35 -29.85 -21.59
CA ALA D 85 4.40 -29.43 -22.51
C ALA D 85 5.75 -30.00 -22.10
N VAL D 86 5.99 -30.09 -20.78
CA VAL D 86 7.15 -30.83 -20.28
C VAL D 86 7.01 -32.30 -20.66
N SER D 87 5.83 -32.88 -20.47
CA SER D 87 5.62 -34.26 -20.87
C SER D 87 6.03 -34.48 -22.32
N LYS D 88 5.65 -33.55 -23.19
CA LYS D 88 5.87 -33.72 -24.61
C LYS D 88 7.30 -33.41 -25.02
N HIS D 89 7.92 -32.40 -24.41
CA HIS D 89 9.28 -32.04 -24.84
C HIS D 89 10.39 -32.70 -24.03
N ALA D 90 10.11 -33.21 -22.83
CA ALA D 90 11.17 -33.85 -22.05
C ALA D 90 11.86 -35.01 -22.77
N PRO D 91 11.22 -35.82 -23.62
CA PRO D 91 11.95 -36.93 -24.27
C PRO D 91 13.17 -36.50 -25.06
N ASP D 92 13.30 -35.23 -25.44
CA ASP D 92 14.44 -34.81 -26.25
C ASP D 92 15.51 -34.06 -25.48
N ALA D 93 15.36 -33.87 -24.17
CA ALA D 93 16.25 -33.00 -23.43
C ALA D 93 17.29 -33.77 -22.64
N ASN D 94 18.50 -33.22 -22.55
CA ASN D 94 19.53 -33.72 -21.63
C ASN D 94 19.56 -32.93 -20.33
N VAL D 95 19.16 -31.68 -20.39
CA VAL D 95 19.09 -30.80 -19.22
C VAL D 95 17.66 -30.35 -19.09
N LEU D 96 17.12 -30.38 -17.88
CA LEU D 96 15.83 -29.76 -17.61
C LEU D 96 16.01 -28.70 -16.53
N VAL D 97 15.55 -27.48 -16.81
CA VAL D 97 15.67 -26.33 -15.92
C VAL D 97 14.28 -25.88 -15.54
N MET D 98 13.90 -26.06 -14.26
CA MET D 98 12.55 -25.71 -13.80
C MET D 98 12.57 -24.35 -13.10
N ALA D 99 12.58 -23.29 -13.91
CA ALA D 99 12.58 -21.90 -13.42
C ALA D 99 11.19 -21.30 -13.32
N ALA D 100 10.17 -21.95 -13.86
CA ALA D 100 8.82 -21.43 -13.82
C ALA D 100 8.30 -21.39 -12.39
N ALA D 101 7.50 -20.36 -12.09
CA ALA D 101 6.72 -20.31 -10.85
C ALA D 101 5.41 -21.03 -11.11
N VAL D 102 5.38 -22.33 -10.79
CA VAL D 102 4.24 -23.18 -11.11
C VAL D 102 3.28 -23.18 -9.92
N ALA D 103 2.03 -22.78 -10.18
CA ALA D 103 1.02 -22.70 -9.13
C ALA D 103 0.78 -24.06 -8.53
N ASP D 104 0.91 -24.15 -7.20
CA ASP D 104 0.68 -25.41 -6.51
C ASP D 104 -0.78 -25.83 -6.58
N PHE D 105 -1.68 -24.84 -6.70
CA PHE D 105 -3.10 -25.09 -6.59
C PHE D 105 -3.83 -24.47 -7.77
N ARG D 106 -4.99 -25.05 -8.06
CA ARG D 106 -5.83 -24.77 -9.19
C ARG D 106 -7.26 -24.80 -8.69
N PRO D 107 -8.15 -24.01 -9.26
CA PRO D 107 -9.55 -24.11 -8.86
C PRO D 107 -10.06 -25.52 -9.10
N ALA D 108 -10.80 -26.03 -8.11
CA ALA D 108 -11.45 -27.33 -8.22
C ALA D 108 -12.27 -27.43 -9.51
N HIS D 109 -13.01 -26.37 -9.85
CA HIS D 109 -13.78 -26.28 -11.09
C HIS D 109 -13.54 -24.93 -11.74
N VAL D 110 -13.61 -24.91 -13.07
CA VAL D 110 -13.49 -23.68 -13.84
C VAL D 110 -14.83 -23.48 -14.54
N ALA D 111 -15.45 -22.32 -14.28
CA ALA D 111 -16.74 -22.04 -14.86
C ALA D 111 -16.61 -21.82 -16.36
N ALA D 112 -17.65 -22.23 -17.09
CA ALA D 112 -17.67 -22.09 -18.54
C ALA D 112 -17.86 -20.63 -18.95
N ALA D 113 -18.54 -19.86 -18.12
CA ALA D 113 -18.84 -18.46 -18.37
C ALA D 113 -18.36 -17.62 -17.19
N LYS D 114 -18.32 -16.29 -17.43
CA LYS D 114 -18.06 -15.34 -16.35
C LYS D 114 -18.89 -15.67 -15.13
N ILE D 115 -18.21 -15.86 -14.00
CA ILE D 115 -18.92 -16.06 -12.74
C ILE D 115 -19.60 -14.76 -12.35
N LYS D 116 -20.89 -14.86 -12.00
CA LYS D 116 -21.70 -13.75 -11.54
C LYS D 116 -22.37 -14.24 -10.26
N LYS D 117 -21.71 -13.99 -9.12
CA LYS D 117 -22.22 -14.47 -7.85
C LYS D 117 -23.42 -13.62 -7.39
N GLY D 118 -24.38 -14.30 -6.77
CA GLY D 118 -25.68 -13.72 -6.50
C GLY D 118 -25.74 -12.67 -5.42
N ALA D 119 -24.60 -12.27 -4.86
CA ALA D 119 -24.56 -11.32 -3.74
C ALA D 119 -25.39 -11.83 -2.56
N SER D 120 -25.51 -13.15 -2.45
CA SER D 120 -26.16 -13.75 -1.29
C SER D 120 -25.12 -14.05 -0.23
N GLU D 121 -24.08 -14.80 -0.59
CA GLU D 121 -23.04 -15.20 0.36
C GLU D 121 -21.80 -15.71 -0.38
N SER D 124 -16.88 -18.81 -2.16
CA SER D 124 -15.48 -19.20 -1.98
C SER D 124 -14.94 -20.04 -3.15
N ILE D 125 -13.66 -20.42 -3.04
CA ILE D 125 -12.91 -21.04 -4.12
C ILE D 125 -12.26 -22.31 -3.57
N ASP D 126 -12.89 -23.47 -3.80
CA ASP D 126 -12.29 -24.74 -3.41
C ASP D 126 -11.14 -25.08 -4.34
N LEU D 127 -10.05 -25.59 -3.78
CA LEU D 127 -8.81 -25.79 -4.51
C LEU D 127 -8.48 -27.28 -4.59
N VAL D 128 -7.80 -27.66 -5.67
CA VAL D 128 -7.20 -28.98 -5.83
C VAL D 128 -5.71 -28.80 -6.11
N ARG D 129 -4.88 -29.70 -5.61
CA ARG D 129 -3.45 -29.56 -5.84
C ARG D 129 -3.13 -29.86 -7.29
N ASN D 130 -2.26 -29.02 -7.88
CA ASN D 130 -1.67 -29.24 -9.18
C ASN D 130 -0.51 -30.24 -9.07
N ASP D 131 -0.17 -30.85 -10.21
CA ASP D 131 0.95 -31.77 -10.22
C ASP D 131 2.26 -31.03 -9.97
N ASP D 132 3.19 -31.71 -9.30
CA ASP D 132 4.57 -31.25 -9.19
C ASP D 132 5.27 -31.68 -10.48
N VAL D 133 5.40 -30.75 -11.43
CA VAL D 133 6.00 -31.10 -12.72
C VAL D 133 7.48 -31.49 -12.53
N LEU D 134 8.18 -30.82 -11.62
CA LEU D 134 9.58 -31.12 -11.35
C LEU D 134 9.74 -32.51 -10.74
N ALA D 135 8.94 -32.83 -9.72
CA ALA D 135 9.08 -34.15 -9.10
C ALA D 135 8.66 -35.28 -10.04
N GLY D 136 7.72 -35.00 -10.96
CA GLY D 136 7.35 -36.02 -11.93
C GLY D 136 8.45 -36.33 -12.92
N ALA D 137 9.28 -35.34 -13.24
CA ALA D 137 10.41 -35.60 -14.13
C ALA D 137 11.49 -36.38 -13.40
N VAL D 138 11.75 -36.01 -12.15
CA VAL D 138 12.63 -36.79 -11.29
C VAL D 138 12.18 -38.25 -11.26
N ARG D 139 10.90 -38.48 -10.94
CA ARG D 139 10.37 -39.85 -10.86
C ARG D 139 10.47 -40.58 -12.19
N ALA D 140 10.24 -39.88 -13.31
CA ALA D 140 10.28 -40.53 -14.61
C ALA D 140 11.70 -40.89 -15.00
N ARG D 141 12.66 -40.00 -14.72
CA ARG D 141 14.05 -40.37 -14.93
C ARG D 141 14.44 -41.54 -14.04
N ALA D 142 13.97 -41.53 -12.79
CA ALA D 142 14.29 -42.63 -11.89
C ALA D 142 13.73 -43.97 -12.38
N ASP D 143 12.68 -43.97 -13.21
CA ASP D 143 12.05 -45.19 -13.66
C ASP D 143 12.43 -45.56 -15.09
N GLY D 144 13.47 -44.92 -15.65
CA GLY D 144 13.98 -45.31 -16.94
C GLY D 144 13.23 -44.76 -18.13
N GLN D 145 12.36 -43.78 -17.91
CA GLN D 145 11.61 -43.15 -18.99
C GLN D 145 12.31 -41.95 -19.59
N LEU D 146 13.36 -41.45 -18.96
CA LEU D 146 14.12 -40.28 -19.47
C LEU D 146 15.60 -40.64 -19.59
N PRO D 147 15.94 -41.59 -20.47
CA PRO D 147 17.35 -41.94 -20.69
C PRO D 147 18.25 -40.79 -21.11
N ASN D 148 17.70 -39.77 -21.79
CA ASN D 148 18.50 -38.63 -22.23
C ASN D 148 18.82 -37.64 -21.11
N MET D 149 18.09 -37.68 -20.00
CA MET D 149 18.07 -36.61 -19.02
C MET D 149 19.32 -36.69 -18.15
N ARG D 150 20.21 -35.71 -18.28
CA ARG D 150 21.45 -35.69 -17.50
C ARG D 150 21.37 -34.79 -16.28
N ALA D 151 20.66 -33.68 -16.37
CA ALA D 151 20.59 -32.74 -15.26
C ALA D 151 19.18 -32.19 -15.15
N ILE D 152 18.64 -32.25 -13.94
CA ILE D 152 17.34 -31.69 -13.60
C ILE D 152 17.62 -30.59 -12.58
N VAL D 153 17.24 -29.35 -12.93
CA VAL D 153 17.56 -28.19 -12.11
C VAL D 153 16.25 -27.59 -11.60
N GLY D 154 16.19 -27.35 -10.29
CA GLY D 154 15.03 -26.74 -9.67
C GLY D 154 15.33 -25.34 -9.16
N PHE D 155 14.30 -24.52 -9.05
CA PHE D 155 14.41 -23.15 -8.59
C PHE D 155 13.55 -22.97 -7.35
N ALA D 156 14.00 -22.15 -6.43
CA ALA D 156 13.25 -21.99 -5.20
C ALA D 156 13.56 -20.62 -4.61
N ALA D 157 12.54 -19.98 -4.06
CA ALA D 157 12.71 -18.80 -3.24
C ALA D 157 12.51 -19.22 -1.80
N GLU D 158 13.53 -19.00 -0.97
CA GLU D 158 13.54 -19.48 0.40
C GLU D 158 13.98 -18.37 1.35
N THR D 159 13.24 -18.21 2.43
CA THR D 159 13.47 -17.19 3.45
C THR D 159 13.41 -17.82 4.84
N GLY D 160 14.24 -17.29 5.74
CA GLY D 160 14.35 -17.90 7.06
C GLY D 160 13.09 -17.66 7.89
N ASP D 161 12.65 -18.69 8.60
CA ASP D 161 11.48 -18.61 9.46
C ASP D 161 11.87 -18.99 10.88
N ALA D 162 10.88 -19.12 11.75
CA ALA D 162 11.14 -19.53 13.13
C ALA D 162 11.64 -20.95 13.26
N ASN D 163 11.76 -21.68 12.15
CA ASN D 163 12.21 -23.06 12.21
C ASN D 163 13.50 -23.30 11.44
N GLY D 164 14.12 -22.24 10.91
CA GLY D 164 15.37 -22.42 10.21
C GLY D 164 15.62 -21.31 9.24
N ASP D 165 16.90 -21.08 8.94
CA ASP D 165 17.29 -20.02 8.03
C ASP D 165 17.01 -20.44 6.58
N VAL D 166 17.35 -19.53 5.65
CA VAL D 166 17.24 -19.75 4.22
C VAL D 166 17.76 -21.14 3.82
N LEU D 167 18.95 -21.50 4.33
CA LEU D 167 19.68 -22.66 3.87
C LEU D 167 19.23 -23.96 4.53
N PHE D 168 18.59 -23.88 5.70
CA PHE D 168 17.93 -25.06 6.27
C PHE D 168 16.74 -25.48 5.42
N HIS D 169 15.93 -24.52 4.98
CA HIS D 169 14.77 -24.82 4.15
C HIS D 169 15.15 -25.19 2.73
N ALA D 170 16.25 -24.63 2.21
CA ALA D 170 16.66 -24.93 0.85
C ALA D 170 17.23 -26.33 0.74
N ARG D 171 18.13 -26.70 1.66
CA ARG D 171 18.59 -28.08 1.72
C ARG D 171 17.41 -29.04 1.83
N ALA D 172 16.46 -28.73 2.72
CA ALA D 172 15.28 -29.59 2.86
C ALA D 172 14.56 -29.76 1.53
N LYS D 173 14.55 -28.73 0.69
CA LYS D 173 13.81 -28.82 -0.57
C LYS D 173 14.60 -29.56 -1.63
N LEU D 174 15.89 -29.27 -1.76
CA LEU D 174 16.71 -30.01 -2.73
C LEU D 174 16.62 -31.50 -2.51
N GLU D 175 16.64 -31.92 -1.24
CA GLU D 175 16.52 -33.33 -0.92
C GLU D 175 15.10 -33.83 -1.10
N ARG D 176 14.10 -32.97 -0.89
CA ARG D 176 12.72 -33.40 -1.04
C ARG D 176 12.35 -33.54 -2.51
N LYS D 177 12.79 -32.59 -3.35
CA LYS D 177 12.43 -32.65 -4.76
C LYS D 177 13.15 -33.78 -5.47
N GLY D 178 14.40 -34.00 -5.10
CA GLY D 178 15.19 -35.06 -5.71
C GLY D 178 15.95 -34.66 -6.94
N CYS D 179 15.91 -33.38 -7.31
CA CYS D 179 16.54 -32.93 -8.54
C CYS D 179 18.06 -32.85 -8.34
N ASP D 180 18.77 -32.52 -9.41
CA ASP D 180 20.22 -32.50 -9.37
C ASP D 180 20.78 -31.21 -8.82
N LEU D 181 20.12 -30.09 -9.09
CA LEU D 181 20.56 -28.79 -8.65
C LEU D 181 19.35 -28.00 -8.19
N LEU D 182 19.53 -27.21 -7.14
CA LEU D 182 18.51 -26.30 -6.62
C LEU D 182 19.09 -24.90 -6.64
N VAL D 183 18.43 -24.00 -7.38
CA VAL D 183 18.80 -22.58 -7.42
C VAL D 183 17.92 -21.84 -6.42
N VAL D 184 18.54 -21.15 -5.48
CA VAL D 184 17.86 -20.57 -4.33
C VAL D 184 17.99 -19.06 -4.41
N ASN D 185 16.83 -18.39 -4.47
CA ASN D 185 16.74 -16.92 -4.43
C ASN D 185 17.59 -16.28 -5.53
N ALA D 186 17.56 -16.89 -6.72
CA ALA D 186 18.05 -16.22 -7.93
C ALA D 186 17.08 -15.10 -8.31
N VAL D 187 17.09 -14.03 -7.52
CA VAL D 187 16.02 -13.05 -7.50
C VAL D 187 16.61 -11.66 -7.35
N GLY D 188 15.88 -10.67 -7.83
CA GLY D 188 16.34 -9.30 -7.81
C GLY D 188 17.14 -8.93 -9.06
N GLU D 189 17.28 -7.62 -9.27
CA GLU D 189 17.93 -7.08 -10.45
C GLU D 189 19.12 -6.19 -10.10
N ASN D 190 19.60 -6.24 -8.86
CA ASN D 190 20.75 -5.45 -8.40
C ASN D 190 20.56 -3.96 -8.74
N ARG D 191 19.32 -3.49 -8.56
CA ARG D 191 18.94 -2.10 -8.80
C ARG D 191 19.46 -1.20 -7.69
N ALA D 192 19.41 0.10 -8.00
CA ALA D 192 19.56 1.11 -6.98
C ALA D 192 18.49 0.90 -5.92
N PHE D 193 18.89 0.99 -4.65
CA PHE D 193 18.08 0.87 -3.45
C PHE D 193 17.55 -0.53 -3.22
N GLU D 194 17.93 -1.51 -4.04
CA GLU D 194 17.56 -2.90 -3.80
C GLU D 194 18.58 -3.50 -2.84
N VAL D 195 18.09 -4.12 -1.77
CA VAL D 195 18.94 -4.67 -0.73
C VAL D 195 19.27 -6.12 -1.08
N ASP D 196 20.54 -6.47 -0.95
CA ASP D 196 21.02 -7.83 -1.15
C ASP D 196 21.14 -8.49 0.21
N HIS D 197 20.43 -9.60 0.41
CA HIS D 197 20.40 -10.31 1.66
C HIS D 197 21.39 -11.48 1.70
N ASN D 198 22.18 -11.64 0.63
CA ASN D 198 23.21 -12.67 0.54
C ASN D 198 22.65 -14.06 0.80
N ASP D 199 21.41 -14.30 0.37
CA ASP D 199 20.77 -15.60 0.53
C ASP D 199 20.56 -16.30 -0.80
N GLY D 200 21.42 -16.00 -1.78
CA GLY D 200 21.45 -16.75 -3.02
C GLY D 200 22.37 -17.96 -2.88
N TRP D 201 21.95 -19.08 -3.47
CA TRP D 201 22.61 -20.35 -3.24
C TRP D 201 22.47 -21.24 -4.47
N LEU D 202 23.49 -22.07 -4.71
CA LEU D 202 23.44 -23.17 -5.66
C LEU D 202 23.74 -24.44 -4.89
N LEU D 203 22.71 -25.23 -4.56
CA LEU D 203 22.87 -26.47 -3.82
C LEU D 203 22.93 -27.64 -4.79
N SER D 204 23.98 -28.44 -4.67
CA SER D 204 24.13 -29.64 -5.47
C SER D 204 23.69 -30.86 -4.69
N ALA D 205 23.10 -31.83 -5.42
CA ALA D 205 22.76 -33.11 -4.81
C ALA D 205 23.99 -33.82 -4.26
N ASP D 206 25.18 -33.51 -4.78
CA ASP D 206 26.40 -34.06 -4.24
C ASP D 206 26.84 -33.36 -2.95
N GLY D 207 26.12 -32.33 -2.52
CA GLY D 207 26.38 -31.69 -1.25
C GLY D 207 27.09 -30.36 -1.35
N THR D 208 27.59 -29.99 -2.53
CA THR D 208 28.21 -28.70 -2.72
C THR D 208 27.21 -27.58 -2.43
N GLU D 209 27.75 -26.40 -2.12
CA GLU D 209 26.95 -25.22 -1.84
C GLU D 209 27.79 -24.02 -2.23
N SER D 210 27.37 -23.35 -3.31
CA SER D 210 27.97 -22.11 -3.79
C SER D 210 27.03 -20.96 -3.46
N ALA D 211 27.55 -19.95 -2.77
CA ALA D 211 26.79 -18.70 -2.67
C ALA D 211 26.54 -18.16 -4.07
N LEU D 212 25.36 -17.57 -4.28
CA LEU D 212 24.98 -16.97 -5.55
C LEU D 212 24.98 -15.47 -5.34
N GLU D 213 25.98 -14.80 -5.89
CA GLU D 213 26.05 -13.34 -5.79
C GLU D 213 24.84 -12.73 -6.49
N HIS D 214 24.25 -11.70 -5.86
CA HIS D 214 23.01 -11.12 -6.33
C HIS D 214 23.32 -9.90 -7.19
N GLY D 215 23.68 -10.18 -8.44
CA GLY D 215 23.93 -9.13 -9.42
C GLY D 215 22.89 -9.11 -10.52
N SER D 216 23.33 -8.75 -11.74
CA SER D 216 22.44 -8.67 -12.89
C SER D 216 21.83 -10.03 -13.22
N LYS D 217 20.72 -9.99 -13.97
CA LYS D 217 20.12 -11.22 -14.45
C LYS D 217 21.07 -11.98 -15.37
N THR D 218 21.78 -11.25 -16.24
CA THR D 218 22.75 -11.87 -17.13
C THR D 218 23.87 -12.55 -16.34
N LEU D 219 24.35 -11.93 -15.27
CA LEU D 219 25.45 -12.54 -14.53
C LEU D 219 24.99 -13.75 -13.73
N MET D 220 23.78 -13.68 -13.17
CA MET D 220 23.25 -14.83 -12.41
C MET D 220 22.98 -16.03 -13.31
N ALA D 221 22.61 -15.80 -14.58
CA ALA D 221 22.41 -16.90 -15.53
C ALA D 221 23.72 -17.59 -15.88
N THR D 222 24.74 -16.80 -16.25
CA THR D 222 26.08 -17.33 -16.48
C THR D 222 26.52 -18.24 -15.34
N ARG D 223 26.37 -17.77 -14.10
CA ARG D 223 26.67 -18.59 -12.93
C ARG D 223 25.87 -19.88 -12.93
N ILE D 224 24.57 -19.79 -13.20
CA ILE D 224 23.73 -20.97 -13.18
C ILE D 224 24.15 -21.94 -14.28
N VAL D 225 24.51 -21.44 -15.45
CA VAL D 225 24.94 -22.32 -16.53
C VAL D 225 26.35 -22.83 -16.30
N ASP D 226 27.23 -22.00 -15.71
CA ASP D 226 28.48 -22.50 -15.18
C ASP D 226 28.25 -23.75 -14.35
N SER D 227 27.26 -23.67 -13.46
CA SER D 227 26.96 -24.80 -12.58
C SER D 227 26.38 -25.98 -13.33
N ILE D 228 25.64 -25.75 -14.41
CA ILE D 228 25.17 -26.89 -15.20
C ILE D 228 26.33 -27.48 -16.00
N ALA D 229 27.11 -26.64 -16.67
CA ALA D 229 28.28 -27.10 -17.42
C ALA D 229 29.21 -27.97 -16.56
N ALA D 230 29.41 -27.56 -15.31
CA ALA D 230 30.33 -28.27 -14.42
C ALA D 230 29.74 -29.61 -13.99
N PHE D 231 28.44 -29.63 -13.65
CA PHE D 231 27.80 -30.88 -13.24
C PHE D 231 27.83 -31.91 -14.35
N LEU D 232 27.63 -31.48 -15.60
CA LEU D 232 27.59 -32.41 -16.72
C LEU D 232 28.97 -33.05 -16.96
N LYS D 233 30.02 -32.24 -17.10
CA LYS D 233 31.35 -32.78 -17.34
C LYS D 233 31.81 -33.62 -16.17
N SER D 234 31.40 -33.24 -14.95
CA SER D 234 31.70 -34.03 -13.77
C SER D 234 31.22 -35.47 -13.94
N GLN D 235 30.01 -35.64 -14.45
CA GLN D 235 29.49 -36.96 -14.77
C GLN D 235 30.15 -37.51 -16.03
#